data_8EN4
#
_entry.id   8EN4
#
_cell.length_a   108.411
_cell.length_b   137.292
_cell.length_c   140.176
_cell.angle_alpha   90.000
_cell.angle_beta   90.000
_cell.angle_gamma   90.000
#
_symmetry.space_group_name_H-M   'I 2 2 2'
#
loop_
_entity.id
_entity.type
_entity.pdbx_description
1 polymer VP1
2 polymer 'Nanobody 53'
3 non-polymer 1,2-ETHANEDIOL
4 water water
#
loop_
_entity_poly.entity_id
_entity_poly.type
_entity_poly.pdbx_seq_one_letter_code
_entity_poly.pdbx_strand_id
1 'polypeptide(L)'
;TKPFSVPVLTVEEMTNSRFPIPLEKLFTGPSSAFVVQPQNGRCTTDGVLLGTTQLSPVNICTFRGDVTHITGSRNYTMNL
ASQNWNDYDPTEEIPAPLGTPDFVGKIQGVLTQTTRTDGSTRGHKATVYTGSADFAPKLGRVQFETDTDRDFEANQNTKF
TPVGVIQDGGTTHRNEPQQWVLPSYSGRNTHNVHLAPAVAPTFPGEQLLFFRSTMPGCSGYPNMDLDCLLPQEWVQYFYQ
EAAPAQSDVALLRFVNPDTGRVLFECKLHKSGYVTVAHTGQHDLVIPPNGYFRFDSWVNQFYTLAPMG
;
B,A
2 'polypeptide(L)'
;QVQLQESGGGLVQPGGSLRLSCAASGDIFSIYLMGWYRQSPGKQRELVATITSSGETKHVYSVKGRFTISRENAKNAWYL
QMNSLKPEDTGVYYCHAVTGVIASSWGQGTQVTVSSHHHHHH
;
C,D
#
loop_
_chem_comp.id
_chem_comp.type
_chem_comp.name
_chem_comp.formula
EDO non-polymer 1,2-ETHANEDIOL 'C2 H6 O2'
#
# COMPACT_ATOMS: atom_id res chain seq x y z
N THR A 1 25.42 -1.74 -21.72
CA THR A 1 25.06 -1.24 -20.40
C THR A 1 23.61 -0.76 -20.39
N LYS A 2 22.84 -1.26 -19.43
CA LYS A 2 21.44 -0.91 -19.34
C LYS A 2 21.28 0.57 -19.03
N PRO A 3 20.51 1.32 -19.83
CA PRO A 3 20.33 2.75 -19.56
C PRO A 3 19.51 2.97 -18.28
N PHE A 4 19.94 3.95 -17.50
CA PHE A 4 19.25 4.29 -16.27
C PHE A 4 18.04 5.17 -16.55
N SER A 5 17.03 5.04 -15.70
CA SER A 5 15.81 5.83 -15.82
C SER A 5 15.07 5.80 -14.50
N VAL A 6 14.15 6.75 -14.34
CA VAL A 6 13.29 6.81 -13.16
C VAL A 6 11.84 6.65 -13.62
N PRO A 7 10.95 6.14 -12.77
CA PRO A 7 9.55 5.98 -13.18
C PRO A 7 8.92 7.32 -13.55
N VAL A 8 7.90 7.25 -14.40
CA VAL A 8 7.15 8.43 -14.82
C VAL A 8 5.88 8.62 -13.99
N LEU A 9 5.75 7.91 -12.88
CA LEU A 9 4.57 8.05 -12.03
C LEU A 9 4.61 9.40 -11.30
N THR A 10 3.47 10.07 -11.28
CA THR A 10 3.37 11.34 -10.57
C THR A 10 3.52 11.12 -9.07
N VAL A 11 3.72 12.23 -8.35
CA VAL A 11 3.91 12.15 -6.90
C VAL A 11 2.67 11.59 -6.22
N GLU A 12 1.48 12.01 -6.67
CA GLU A 12 0.25 11.55 -6.06
C GLU A 12 0.03 10.05 -6.31
N GLU A 13 0.58 9.50 -7.39
CA GLU A 13 0.40 8.10 -7.73
C GLU A 13 1.39 7.18 -7.02
N MET A 14 2.28 7.71 -6.19
CA MET A 14 3.34 6.91 -5.59
C MET A 14 3.14 6.81 -4.08
N THR A 15 3.79 5.81 -3.50
CA THR A 15 3.60 5.44 -2.10
C THR A 15 4.80 5.88 -1.27
N ASN A 16 4.53 6.33 -0.04
CA ASN A 16 5.61 6.58 0.91
C ASN A 16 6.30 5.26 1.26
N SER A 17 7.62 5.30 1.32
CA SER A 17 8.42 4.10 1.54
C SER A 17 8.67 3.82 3.02
N ARG A 18 8.09 4.60 3.92
CA ARG A 18 8.24 4.38 5.35
C ARG A 18 6.92 4.16 6.07
N PHE A 19 5.78 4.21 5.37
CA PHE A 19 4.47 3.95 5.93
C PHE A 19 3.53 3.65 4.78
N PRO A 20 2.62 2.69 4.92
CA PRO A 20 1.72 2.36 3.80
C PRO A 20 0.67 3.44 3.54
N ILE A 21 1.12 4.63 3.17
CA ILE A 21 0.22 5.73 2.81
C ILE A 21 0.75 6.41 1.57
N PRO A 22 -0.15 7.00 0.78
CA PRO A 22 0.28 7.64 -0.47
C PRO A 22 1.09 8.90 -0.22
N LEU A 23 1.90 9.25 -1.22
CA LEU A 23 2.64 10.50 -1.17
C LEU A 23 1.69 11.67 -1.43
N GLU A 24 1.98 12.80 -0.79
CA GLU A 24 1.15 13.99 -0.93
C GLU A 24 1.85 15.15 -1.59
N LYS A 25 3.12 15.41 -1.27
CA LYS A 25 3.80 16.60 -1.75
C LYS A 25 5.30 16.40 -1.67
N LEU A 26 6.03 17.26 -2.36
CA LEU A 26 7.48 17.35 -2.23
C LEU A 26 7.83 18.48 -1.26
N PHE A 27 8.86 18.26 -0.45
CA PHE A 27 9.24 19.20 0.58
C PHE A 27 10.75 19.30 0.66
N THR A 28 11.25 20.50 0.95
CA THR A 28 12.67 20.72 1.15
C THR A 28 12.87 21.60 2.38
N GLY A 29 14.00 21.42 3.05
CA GLY A 29 14.33 22.17 4.24
C GLY A 29 15.67 21.77 4.80
N PRO A 30 16.21 22.58 5.72
CA PRO A 30 17.50 22.26 6.33
C PRO A 30 17.41 20.97 7.16
N SER A 31 18.49 20.20 7.14
CA SER A 31 18.55 18.92 7.83
C SER A 31 19.73 18.83 8.79
N SER A 32 20.36 19.95 9.13
CA SER A 32 21.49 19.95 10.04
C SER A 32 21.08 19.76 11.49
N ALA A 33 19.84 20.13 11.85
CA ALA A 33 19.41 20.05 13.24
C ALA A 33 19.12 18.63 13.69
N PHE A 34 19.18 17.65 12.80
CA PHE A 34 18.85 16.28 13.16
C PHE A 34 19.60 15.33 12.24
N VAL A 35 19.52 14.04 12.55
CA VAL A 35 20.20 12.99 11.80
C VAL A 35 19.19 12.34 10.87
N VAL A 36 19.44 12.41 9.56
CA VAL A 36 18.58 11.79 8.57
C VAL A 36 19.17 10.42 8.27
N GLN A 37 18.70 9.41 9.00
CA GLN A 37 19.15 8.02 8.81
C GLN A 37 17.97 7.07 8.87
N PRO A 38 17.01 7.19 7.95
CA PRO A 38 15.92 6.23 7.91
C PRO A 38 16.41 4.90 7.35
N GLN A 39 15.78 3.81 7.80
CA GLN A 39 16.16 2.47 7.37
C GLN A 39 15.23 1.90 6.31
N ASN A 40 14.05 2.47 6.15
CA ASN A 40 13.14 2.09 5.08
C ASN A 40 13.22 3.11 3.95
N GLY A 41 12.92 2.66 2.74
CA GLY A 41 13.09 3.51 1.58
C GLY A 41 14.54 3.78 1.22
N ARG A 42 15.43 2.84 1.52
CA ARG A 42 16.85 2.97 1.23
C ARG A 42 17.21 2.00 0.11
N CYS A 43 17.69 2.55 -1.00
CA CYS A 43 18.05 1.74 -2.15
C CYS A 43 18.92 2.57 -3.08
N THR A 44 20.01 1.97 -3.56
CA THR A 44 20.88 2.66 -4.50
C THR A 44 20.27 2.68 -5.89
N THR A 45 20.85 3.51 -6.77
CA THR A 45 20.33 3.64 -8.12
C THR A 45 20.50 2.37 -8.94
N ASP A 46 21.44 1.51 -8.59
CA ASP A 46 21.64 0.25 -9.28
C ASP A 46 20.95 -0.93 -8.58
N GLY A 47 20.10 -0.66 -7.61
CA GLY A 47 19.21 -1.67 -7.06
C GLY A 47 19.69 -2.42 -5.83
N VAL A 48 20.60 -1.86 -5.04
CA VAL A 48 21.06 -2.51 -3.82
C VAL A 48 20.16 -2.04 -2.67
N LEU A 49 19.41 -2.97 -2.09
CA LEU A 49 18.55 -2.64 -0.96
C LEU A 49 19.39 -2.45 0.30
N LEU A 50 19.06 -1.42 1.08
CA LEU A 50 19.83 -1.08 2.27
C LEU A 50 18.93 -1.07 3.50
N GLY A 51 19.55 -1.23 4.65
CA GLY A 51 18.83 -1.11 5.92
C GLY A 51 17.79 -2.20 6.08
N THR A 52 16.55 -1.78 6.38
CA THR A 52 15.42 -2.68 6.53
C THR A 52 14.48 -2.63 5.35
N THR A 53 14.96 -2.16 4.19
CA THR A 53 14.08 -1.91 3.06
C THR A 53 13.74 -3.20 2.33
N GLN A 54 12.45 -3.42 2.13
CA GLN A 54 11.97 -4.48 1.25
C GLN A 54 11.15 -3.86 0.13
N LEU A 55 10.38 -4.67 -0.59
CA LEU A 55 9.72 -4.21 -1.81
C LEU A 55 8.21 -4.03 -1.69
N SER A 56 7.57 -4.64 -0.69
CA SER A 56 6.12 -4.55 -0.56
C SER A 56 5.74 -3.19 0.02
N PRO A 57 4.94 -2.38 -0.67
CA PRO A 57 4.53 -1.09 -0.10
C PRO A 57 3.52 -1.21 1.03
N VAL A 58 2.75 -2.29 1.06
CA VAL A 58 1.71 -2.45 2.09
C VAL A 58 2.21 -3.17 3.34
N ASN A 59 3.42 -3.75 3.30
CA ASN A 59 3.94 -4.50 4.43
C ASN A 59 4.97 -3.70 5.22
N ILE A 60 5.02 -2.39 5.03
CA ILE A 60 5.82 -1.53 5.90
C ILE A 60 5.05 -1.33 7.20
N CYS A 61 5.74 -1.52 8.33
CA CYS A 61 5.18 -1.36 9.67
C CYS A 61 4.10 -2.40 9.98
N THR A 62 4.16 -3.56 9.34
CA THR A 62 3.29 -4.68 9.67
C THR A 62 4.11 -5.77 10.35
N PHE A 63 3.47 -6.51 11.25
CA PHE A 63 4.10 -7.59 11.98
C PHE A 63 3.27 -8.85 11.87
N ARG A 64 3.94 -9.99 11.77
CA ARG A 64 3.30 -11.30 11.69
C ARG A 64 3.94 -12.24 12.69
N GLY A 65 3.14 -13.14 13.22
CA GLY A 65 3.65 -14.14 14.15
C GLY A 65 2.53 -14.69 15.03
N ASP A 66 2.92 -15.21 16.18
CA ASP A 66 1.99 -15.70 17.19
C ASP A 66 2.14 -14.86 18.46
N VAL A 67 1.06 -14.75 19.22
CA VAL A 67 1.00 -13.89 20.40
C VAL A 67 0.84 -14.74 21.64
N THR A 68 1.52 -14.33 22.72
CA THR A 68 1.31 -14.83 24.07
C THR A 68 1.24 -13.65 25.01
N HIS A 69 0.88 -13.92 26.27
CA HIS A 69 0.75 -12.84 27.24
C HIS A 69 0.72 -13.42 28.65
N ILE A 70 1.06 -12.57 29.62
CA ILE A 70 0.78 -12.88 31.01
C ILE A 70 -0.72 -13.00 31.19
N THR A 71 -1.15 -14.04 31.91
CA THR A 71 -2.58 -14.30 32.07
C THR A 71 -3.30 -13.09 32.66
N GLY A 72 -4.35 -12.64 31.99
CA GLY A 72 -5.13 -11.51 32.42
C GLY A 72 -4.63 -10.15 31.95
N SER A 73 -3.50 -10.10 31.24
CA SER A 73 -2.94 -8.84 30.79
C SER A 73 -3.47 -8.48 29.40
N ARG A 74 -3.55 -7.18 29.14
CA ARG A 74 -3.92 -6.67 27.83
C ARG A 74 -2.72 -6.49 26.91
N ASN A 75 -1.50 -6.54 27.45
CA ASN A 75 -0.30 -6.49 26.64
C ASN A 75 0.03 -7.88 26.11
N TYR A 76 0.24 -7.98 24.80
CA TYR A 76 0.55 -9.24 24.14
C TYR A 76 1.94 -9.15 23.52
N THR A 77 2.75 -10.18 23.75
CA THR A 77 4.06 -10.31 23.11
C THR A 77 3.91 -11.18 21.86
N MET A 78 4.35 -10.65 20.72
CA MET A 78 4.27 -11.37 19.46
C MET A 78 5.66 -11.87 19.08
N ASN A 79 5.78 -13.18 18.88
CA ASN A 79 7.00 -13.77 18.37
C ASN A 79 6.96 -13.68 16.84
N LEU A 80 7.86 -12.89 16.27
CA LEU A 80 7.76 -12.56 14.86
C LEU A 80 8.09 -13.76 13.97
N ALA A 81 7.26 -13.95 12.95
CA ALA A 81 7.56 -14.83 11.84
C ALA A 81 7.91 -13.99 10.61
N SER A 82 8.31 -14.68 9.56
CA SER A 82 8.56 -13.99 8.30
C SER A 82 7.26 -13.49 7.70
N GLN A 83 7.39 -12.65 6.66
CA GLN A 83 6.20 -12.13 5.98
C GLN A 83 5.40 -13.25 5.32
N ASN A 84 6.06 -14.30 4.86
CA ASN A 84 5.40 -15.47 4.30
C ASN A 84 5.12 -16.54 5.36
N TRP A 85 5.17 -16.16 6.64
CA TRP A 85 4.90 -17.02 7.80
C TRP A 85 5.98 -18.05 8.05
N ASN A 86 7.14 -17.87 7.44
CA ASN A 86 8.25 -18.81 7.68
C ASN A 86 8.99 -18.37 8.95
N ASP A 87 9.96 -19.17 9.38
CA ASP A 87 10.70 -18.87 10.60
C ASP A 87 11.54 -17.61 10.43
N TYR A 88 11.49 -16.72 11.42
CA TYR A 88 12.32 -15.53 11.40
C TYR A 88 13.78 -15.91 11.63
N ASP A 89 14.66 -15.37 10.79
CA ASP A 89 16.08 -15.64 10.88
C ASP A 89 16.79 -14.45 11.51
N PRO A 90 17.12 -14.48 12.81
CA PRO A 90 17.74 -13.32 13.45
C PRO A 90 19.21 -13.14 13.11
N THR A 91 19.78 -13.97 12.24
CA THR A 91 21.20 -13.93 11.92
C THR A 91 21.51 -13.20 10.62
N GLU A 92 20.49 -12.75 9.88
CA GLU A 92 20.75 -12.03 8.65
C GLU A 92 21.38 -10.67 8.94
N GLU A 93 22.20 -10.20 8.00
CA GLU A 93 22.95 -8.96 8.16
C GLU A 93 22.05 -7.74 7.89
N ILE A 94 21.02 -7.60 8.73
CA ILE A 94 20.08 -6.48 8.64
C ILE A 94 19.82 -5.94 10.03
N PRO A 95 19.48 -4.65 10.12
CA PRO A 95 19.20 -4.06 11.44
C PRO A 95 18.01 -4.69 12.15
N ALA A 96 17.04 -5.20 11.40
CA ALA A 96 15.79 -5.73 11.93
C ALA A 96 15.05 -6.41 10.78
N PRO A 97 13.97 -7.15 11.05
CA PRO A 97 13.17 -7.69 9.95
C PRO A 97 12.79 -6.61 8.94
N LEU A 98 12.73 -6.99 7.68
CA LEU A 98 12.48 -6.03 6.62
C LEU A 98 11.10 -5.41 6.76
N GLY A 99 11.04 -4.08 6.69
CA GLY A 99 9.81 -3.35 6.88
C GLY A 99 9.56 -2.87 8.30
N THR A 100 10.47 -3.15 9.23
CA THR A 100 10.32 -2.70 10.60
C THR A 100 10.29 -1.17 10.64
N PRO A 101 9.41 -0.56 11.44
CA PRO A 101 9.39 0.90 11.55
C PRO A 101 10.76 1.46 11.89
N ASP A 102 11.10 2.58 11.26
CA ASP A 102 12.38 3.22 11.44
C ASP A 102 12.26 4.57 12.17
N PHE A 103 11.27 4.70 13.04
CA PHE A 103 11.10 5.91 13.82
C PHE A 103 10.53 5.55 15.19
N VAL A 104 10.81 6.39 16.18
CA VAL A 104 10.35 6.19 17.54
C VAL A 104 8.99 6.86 17.68
N GLY A 105 7.97 6.09 18.06
CA GLY A 105 6.65 6.64 18.25
C GLY A 105 5.67 5.54 18.57
N LYS A 106 4.42 5.95 18.78
CA LYS A 106 3.33 5.04 19.10
C LYS A 106 2.49 4.83 17.84
N ILE A 107 2.56 3.63 17.26
CA ILE A 107 1.82 3.28 16.06
C ILE A 107 0.57 2.53 16.49
N GLN A 108 -0.60 3.06 16.11
CA GLN A 108 -1.87 2.40 16.40
C GLN A 108 -2.38 1.70 15.15
N GLY A 109 -2.89 0.50 15.34
CA GLY A 109 -3.43 -0.29 14.25
C GLY A 109 -4.41 -1.29 14.77
N VAL A 110 -4.57 -2.39 14.03
CA VAL A 110 -5.49 -3.46 14.40
C VAL A 110 -4.75 -4.78 14.41
N LEU A 111 -4.88 -5.53 15.48
CA LEU A 111 -4.29 -6.85 15.63
C LEU A 111 -5.36 -7.88 15.29
N THR A 112 -5.14 -8.63 14.20
CA THR A 112 -6.10 -9.61 13.72
C THR A 112 -5.52 -11.01 13.85
N GLN A 113 -6.42 -11.99 13.95
CA GLN A 113 -6.02 -13.37 14.19
C GLN A 113 -7.06 -14.30 13.59
N THR A 114 -6.59 -15.45 13.07
CA THR A 114 -7.45 -16.47 12.51
C THR A 114 -7.11 -17.81 13.16
N THR A 115 -8.14 -18.52 13.61
CA THR A 115 -7.97 -19.86 14.16
C THR A 115 -7.99 -20.86 13.02
N ARG A 116 -6.90 -21.62 12.87
CA ARG A 116 -6.73 -22.45 11.68
C ARG A 116 -7.77 -23.56 11.58
N THR A 117 -8.23 -24.10 12.72
CA THR A 117 -9.06 -25.29 12.69
C THR A 117 -10.44 -25.00 12.11
N ASP A 118 -11.10 -23.93 12.55
CA ASP A 118 -12.45 -23.62 12.11
C ASP A 118 -12.58 -22.31 11.36
N GLY A 119 -11.49 -21.58 11.15
CA GLY A 119 -11.57 -20.33 10.42
C GLY A 119 -12.19 -19.18 11.18
N SER A 120 -12.32 -19.29 12.50
CA SER A 120 -12.84 -18.20 13.30
C SER A 120 -11.81 -17.08 13.36
N THR A 121 -12.28 -15.83 13.30
CA THR A 121 -11.40 -14.68 13.22
C THR A 121 -11.78 -13.69 14.32
N ARG A 122 -10.82 -12.83 14.65
CA ARG A 122 -11.03 -11.77 15.63
C ARG A 122 -10.03 -10.65 15.36
N GLY A 123 -10.43 -9.43 15.71
CA GLY A 123 -9.58 -8.27 15.54
C GLY A 123 -9.79 -7.24 16.63
N HIS A 124 -8.70 -6.66 17.12
CA HIS A 124 -8.78 -5.71 18.22
C HIS A 124 -7.84 -4.54 17.97
N LYS A 125 -8.18 -3.39 18.53
CA LYS A 125 -7.29 -2.24 18.51
C LYS A 125 -6.00 -2.57 19.24
N ALA A 126 -4.87 -2.13 18.67
CA ALA A 126 -3.58 -2.45 19.23
C ALA A 126 -2.61 -1.32 18.93
N THR A 127 -1.66 -1.12 19.84
CA THR A 127 -0.67 -0.06 19.70
C THR A 127 0.70 -0.62 20.06
N VAL A 128 1.69 -0.34 19.21
CA VAL A 128 3.07 -0.75 19.44
C VAL A 128 3.89 0.51 19.72
N TYR A 129 4.62 0.51 20.82
CA TYR A 129 5.45 1.64 21.23
C TYR A 129 6.88 1.32 20.80
N THR A 130 7.25 1.80 19.62
CA THR A 130 8.56 1.45 19.06
C THR A 130 9.72 2.05 19.84
N GLY A 131 9.45 3.02 20.72
CA GLY A 131 10.45 3.57 21.59
C GLY A 131 10.56 2.91 22.93
N SER A 132 9.70 1.93 23.22
CA SER A 132 9.72 1.27 24.52
C SER A 132 10.91 0.32 24.62
N ALA A 133 11.34 0.09 25.87
CA ALA A 133 12.45 -0.83 26.10
C ALA A 133 12.11 -2.25 25.68
N ASP A 134 10.82 -2.56 25.53
CA ASP A 134 10.37 -3.89 25.14
C ASP A 134 10.34 -4.10 23.63
N PHE A 135 10.51 -3.04 22.84
CA PHE A 135 10.52 -3.16 21.39
C PHE A 135 11.83 -3.76 20.92
N ALA A 136 11.80 -5.03 20.49
CA ALA A 136 13.00 -5.73 20.06
C ALA A 136 12.68 -6.60 18.84
N PRO A 137 12.40 -5.98 17.70
CA PRO A 137 12.09 -6.78 16.50
C PRO A 137 13.28 -7.57 15.99
N LYS A 138 14.50 -7.09 16.18
CA LYS A 138 15.68 -7.84 15.71
C LYS A 138 15.79 -9.18 16.42
N LEU A 139 15.42 -9.22 17.70
CA LEU A 139 15.38 -10.48 18.43
C LEU A 139 14.11 -11.28 18.17
N GLY A 140 13.13 -10.70 17.48
CA GLY A 140 11.91 -11.40 17.14
C GLY A 140 10.76 -11.23 18.11
N ARG A 141 10.76 -10.16 18.91
CA ARG A 141 9.73 -9.94 19.92
C ARG A 141 9.22 -8.51 19.84
N VAL A 142 7.90 -8.36 19.81
CA VAL A 142 7.25 -7.06 19.76
C VAL A 142 5.96 -7.15 20.57
N GLN A 143 5.67 -6.11 21.36
CA GLN A 143 4.54 -6.10 22.27
C GLN A 143 3.47 -5.14 21.76
N PHE A 144 2.21 -5.52 21.99
CA PHE A 144 1.06 -4.74 21.51
C PHE A 144 0.13 -4.47 22.67
N GLU A 145 -0.10 -3.19 22.96
CA GLU A 145 -1.11 -2.79 23.94
C GLU A 145 -2.47 -2.86 23.28
N THR A 146 -3.31 -3.78 23.74
CA THR A 146 -4.62 -4.02 23.15
C THR A 146 -5.72 -3.61 24.12
N ASP A 147 -6.97 -3.80 23.69
CA ASP A 147 -8.14 -3.52 24.51
C ASP A 147 -8.81 -4.80 25.00
N THR A 148 -8.16 -5.95 24.88
CA THR A 148 -8.70 -7.21 25.35
C THR A 148 -7.67 -7.93 26.21
N ASP A 149 -8.15 -8.81 27.08
CA ASP A 149 -7.28 -9.50 28.03
C ASP A 149 -7.41 -11.01 27.95
N ARG A 150 -8.15 -11.55 26.98
CA ARG A 150 -8.37 -12.99 26.94
C ARG A 150 -8.89 -13.48 25.58
N ASP A 151 -8.98 -12.58 24.60
CA ASP A 151 -9.60 -12.97 23.33
C ASP A 151 -8.60 -13.65 22.39
N PHE A 152 -7.35 -13.18 22.37
CA PHE A 152 -6.36 -13.72 21.44
C PHE A 152 -5.89 -15.09 21.91
N GLU A 153 -5.87 -16.04 20.99
CA GLU A 153 -5.46 -17.41 21.27
C GLU A 153 -3.98 -17.60 20.92
N ALA A 154 -3.35 -18.53 21.63
CA ALA A 154 -1.94 -18.81 21.39
C ALA A 154 -1.78 -19.77 20.21
N ASN A 155 -0.58 -19.75 19.63
CA ASN A 155 -0.20 -20.66 18.54
C ASN A 155 -1.13 -20.52 17.34
N GLN A 156 -1.49 -19.27 17.01
CA GLN A 156 -2.32 -18.98 15.85
C GLN A 156 -1.75 -17.78 15.12
N ASN A 157 -1.94 -17.76 13.80
CA ASN A 157 -1.41 -16.68 12.96
C ASN A 157 -2.04 -15.35 13.35
N THR A 158 -1.19 -14.39 13.71
CA THR A 158 -1.62 -13.06 14.13
C THR A 158 -0.88 -12.02 13.31
N LYS A 159 -1.59 -10.95 12.94
CA LYS A 159 -1.04 -9.91 12.08
C LYS A 159 -1.43 -8.54 12.60
N PHE A 160 -0.48 -7.60 12.53
CA PHE A 160 -0.72 -6.21 12.90
C PHE A 160 -0.76 -5.36 11.64
N THR A 161 -1.87 -4.66 11.42
CA THR A 161 -2.01 -3.73 10.31
C THR A 161 -1.91 -2.31 10.83
N PRO A 162 -0.91 -1.53 10.43
CA PRO A 162 -0.79 -0.16 10.94
C PRO A 162 -1.85 0.74 10.37
N VAL A 163 -2.23 1.75 11.17
CA VAL A 163 -3.24 2.71 10.75
C VAL A 163 -2.69 4.13 10.90
N GLY A 164 -2.19 4.45 12.08
CA GLY A 164 -1.68 5.78 12.32
C GLY A 164 -0.89 5.88 13.59
N VAL A 165 -0.71 7.12 14.06
CA VAL A 165 0.09 7.43 15.24
C VAL A 165 -0.75 8.23 16.21
N ILE A 166 -0.35 8.16 17.49
CA ILE A 166 -1.04 8.84 18.58
C ILE A 166 -0.04 9.69 19.36
N GLN A 167 -0.56 10.44 20.32
CA GLN A 167 0.24 11.33 21.15
C GLN A 167 -0.56 11.67 22.41
N ASP A 168 0.16 11.88 23.52
CA ASP A 168 -0.47 12.24 24.78
C ASP A 168 -0.85 13.72 24.73
N GLY A 169 -2.16 14.00 24.67
CA GLY A 169 -2.62 15.37 24.52
C GLY A 169 -2.29 16.27 25.69
N GLY A 170 -1.95 15.67 26.83
CA GLY A 170 -1.58 16.46 28.00
C GLY A 170 -0.15 16.97 27.99
N THR A 171 0.67 16.52 27.06
CA THR A 171 2.04 16.97 26.92
C THR A 171 2.16 17.93 25.73
N THR A 172 3.37 18.43 25.49
CA THR A 172 3.60 19.38 24.42
C THR A 172 3.13 18.81 23.09
N HIS A 173 2.36 19.61 22.35
CA HIS A 173 1.75 19.14 21.12
C HIS A 173 2.80 18.90 20.05
N ARG A 174 2.58 17.88 19.23
CA ARG A 174 3.47 17.49 18.13
C ARG A 174 4.86 17.08 18.61
N ASN A 175 4.96 16.61 19.86
CA ASN A 175 6.22 16.10 20.37
C ASN A 175 6.43 14.62 20.03
N GLU A 176 5.53 14.02 19.25
CA GLU A 176 5.58 12.59 19.00
C GLU A 176 4.76 12.31 17.75
N PRO A 177 5.17 11.39 16.87
CA PRO A 177 6.43 10.64 16.98
C PRO A 177 7.65 11.43 16.50
N GLN A 178 8.83 10.84 16.62
CA GLN A 178 10.08 11.45 16.15
C GLN A 178 10.55 10.67 14.93
N GLN A 179 10.29 11.22 13.74
CA GLN A 179 10.53 10.48 12.51
C GLN A 179 12.01 10.32 12.20
N TRP A 180 12.89 11.10 12.84
CA TRP A 180 14.32 11.04 12.59
C TRP A 180 15.09 10.40 13.74
N VAL A 181 14.41 9.62 14.58
CA VAL A 181 15.03 8.94 15.71
C VAL A 181 14.80 7.44 15.51
N LEU A 182 15.86 6.71 15.20
CA LEU A 182 15.73 5.28 14.94
C LEU A 182 15.41 4.53 16.23
N PRO A 183 14.56 3.51 16.15
CA PRO A 183 14.28 2.70 17.35
C PRO A 183 15.49 1.84 17.72
N SER A 184 15.44 1.31 18.94
CA SER A 184 16.41 0.33 19.41
C SER A 184 15.92 -1.04 18.99
N TYR A 185 16.52 -1.60 17.94
CA TYR A 185 15.95 -2.77 17.28
C TYR A 185 16.07 -4.05 18.10
N SER A 186 16.97 -4.11 19.07
CA SER A 186 17.12 -5.31 19.89
C SER A 186 16.93 -5.04 21.37
N GLY A 187 16.39 -3.88 21.75
CA GLY A 187 16.24 -3.54 23.14
C GLY A 187 16.90 -2.22 23.48
N ARG A 188 16.49 -1.61 24.60
CA ARG A 188 16.95 -0.27 24.95
C ARG A 188 18.46 -0.20 25.16
N ASN A 189 19.09 -1.32 25.55
CA ASN A 189 20.51 -1.31 25.85
C ASN A 189 21.39 -1.78 24.71
N THR A 190 20.84 -2.51 23.74
CA THR A 190 21.64 -3.02 22.64
C THR A 190 22.00 -1.89 21.67
N HIS A 191 22.82 -2.24 20.69
CA HIS A 191 23.26 -1.30 19.66
C HIS A 191 22.79 -1.77 18.29
N ASN A 192 22.31 -0.83 17.49
CA ASN A 192 21.84 -1.16 16.15
C ASN A 192 23.02 -1.53 15.25
N VAL A 193 22.79 -2.48 14.35
CA VAL A 193 23.83 -3.01 13.49
C VAL A 193 23.38 -2.98 12.04
N HIS A 194 24.35 -2.95 11.13
CA HIS A 194 24.12 -3.02 9.69
C HIS A 194 23.18 -1.92 9.20
N LEU A 195 23.23 -0.76 9.84
CA LEU A 195 22.34 0.34 9.47
C LEU A 195 22.76 0.95 8.13
N ALA A 196 21.78 1.38 7.36
CA ALA A 196 22.06 2.19 6.20
C ALA A 196 22.66 3.53 6.66
N PRO A 197 23.61 4.09 5.91
CA PRO A 197 24.30 5.30 6.38
C PRO A 197 23.36 6.50 6.48
N ALA A 198 23.78 7.47 7.30
CA ALA A 198 23.06 8.73 7.38
C ALA A 198 23.23 9.51 6.08
N VAL A 199 22.36 10.50 5.89
CA VAL A 199 22.30 11.26 4.65
C VAL A 199 22.23 12.74 4.99
N ALA A 200 23.04 13.55 4.32
CA ALA A 200 23.07 14.99 4.53
C ALA A 200 23.48 15.66 3.22
N PRO A 201 22.95 16.84 2.92
CA PRO A 201 23.39 17.56 1.72
C PRO A 201 24.82 18.05 1.88
N THR A 202 25.66 17.72 0.90
CA THR A 202 27.08 18.07 0.95
C THR A 202 27.43 19.29 0.12
N PHE A 203 26.77 19.50 -1.01
CA PHE A 203 27.06 20.66 -1.84
C PHE A 203 26.60 21.93 -1.14
N PRO A 204 27.42 22.99 -1.16
CA PRO A 204 27.02 24.24 -0.48
C PRO A 204 25.82 24.88 -1.17
N GLY A 205 24.84 25.27 -0.37
CA GLY A 205 23.62 25.84 -0.89
C GLY A 205 22.58 24.83 -1.31
N GLU A 206 22.78 23.55 -1.00
CA GLU A 206 21.86 22.49 -1.38
C GLU A 206 21.17 21.93 -0.15
N GLN A 207 19.96 21.42 -0.36
CA GLN A 207 19.15 20.83 0.70
C GLN A 207 18.53 19.54 0.19
N LEU A 208 18.21 18.65 1.12
CA LEU A 208 17.54 17.41 0.78
C LEU A 208 16.14 17.68 0.25
N LEU A 209 15.73 16.88 -0.74
CA LEU A 209 14.36 16.91 -1.23
C LEU A 209 13.63 15.69 -0.66
N PHE A 210 12.62 15.96 0.16
CA PHE A 210 11.88 14.91 0.85
C PHE A 210 10.58 14.62 0.11
N PHE A 211 10.18 13.35 0.11
CA PHE A 211 8.90 12.91 -0.40
C PHE A 211 7.98 12.76 0.81
N ARG A 212 7.04 13.68 0.97
CA ARG A 212 6.34 13.89 2.23
C ARG A 212 4.93 13.34 2.18
N SER A 213 4.54 12.65 3.26
CA SER A 213 3.17 12.24 3.50
C SER A 213 2.74 12.70 4.88
N THR A 214 1.44 12.60 5.15
CA THR A 214 0.87 12.91 6.45
C THR A 214 0.26 11.64 7.03
N MET A 215 0.89 11.10 8.06
CA MET A 215 0.37 9.90 8.69
C MET A 215 -0.99 10.20 9.33
N PRO A 216 -1.95 9.28 9.26
CA PRO A 216 -3.22 9.49 9.96
C PRO A 216 -2.99 9.55 11.47
N GLY A 217 -3.73 10.45 12.11
CA GLY A 217 -3.70 10.56 13.57
C GLY A 217 -4.88 9.84 14.19
N CYS A 218 -4.62 9.13 15.29
CA CYS A 218 -5.66 8.34 15.96
C CYS A 218 -6.04 8.87 17.33
N SER A 219 -5.18 9.67 17.97
CA SER A 219 -5.48 10.23 19.28
C SER A 219 -4.43 11.28 19.61
N GLY A 220 -4.88 12.40 20.19
CA GLY A 220 -3.96 13.41 20.66
C GLY A 220 -3.54 14.38 19.56
N TYR A 221 -2.35 14.94 19.72
CA TYR A 221 -1.80 15.94 18.81
C TYR A 221 -0.44 15.45 18.29
N PRO A 222 -0.45 14.44 17.43
CA PRO A 222 0.83 13.89 16.97
C PRO A 222 1.44 14.69 15.83
N ASN A 223 2.77 14.62 15.75
CA ASN A 223 3.51 15.14 14.62
C ASN A 223 3.38 14.14 13.48
N MET A 224 2.50 14.42 12.53
CA MET A 224 2.16 13.47 11.48
C MET A 224 3.01 13.62 10.23
N ASP A 225 4.03 14.48 10.25
CA ASP A 225 4.92 14.61 9.12
C ASP A 225 5.79 13.35 8.98
N LEU A 226 5.88 12.83 7.76
CA LEU A 226 6.73 11.68 7.47
C LEU A 226 7.41 11.90 6.13
N ASP A 227 8.73 12.07 6.16
CA ASP A 227 9.53 12.29 4.96
C ASP A 227 10.34 11.04 4.66
N CYS A 228 10.32 10.61 3.39
CA CYS A 228 11.14 9.50 2.94
C CYS A 228 12.08 9.99 1.84
N LEU A 229 13.22 9.30 1.73
CA LEU A 229 14.26 9.73 0.78
C LEU A 229 13.94 9.31 -0.64
N LEU A 230 13.19 8.23 -0.83
CA LEU A 230 12.82 7.73 -2.14
C LEU A 230 11.40 7.18 -2.08
N PRO A 231 10.60 7.43 -3.12
CA PRO A 231 9.29 6.75 -3.19
C PRO A 231 9.46 5.25 -3.29
N GLN A 232 8.49 4.51 -2.75
CA GLN A 232 8.57 3.05 -2.74
C GLN A 232 8.58 2.50 -4.16
N GLU A 233 7.93 3.18 -5.10
CA GLU A 233 7.95 2.74 -6.50
C GLU A 233 9.34 2.89 -7.10
N TRP A 234 10.10 3.90 -6.67
CA TRP A 234 11.48 4.04 -7.14
C TRP A 234 12.35 2.93 -6.58
N VAL A 235 12.10 2.51 -5.34
CA VAL A 235 12.84 1.39 -4.77
C VAL A 235 12.53 0.11 -5.55
N GLN A 236 11.27 -0.07 -5.95
CA GLN A 236 10.92 -1.22 -6.77
C GLN A 236 11.54 -1.14 -8.16
N TYR A 237 11.65 0.08 -8.71
CA TYR A 237 12.15 0.22 -10.07
C TYR A 237 13.66 -0.02 -10.14
N PHE A 238 14.42 0.60 -9.24
CA PHE A 238 15.87 0.43 -9.25
C PHE A 238 16.25 -1.01 -8.95
N TYR A 239 15.48 -1.68 -8.09
CA TYR A 239 15.77 -3.07 -7.74
C TYR A 239 15.59 -3.98 -8.95
N GLN A 240 14.61 -3.68 -9.81
CA GLN A 240 14.35 -4.52 -10.97
C GLN A 240 15.34 -4.25 -12.09
N GLU A 241 15.49 -2.99 -12.49
CA GLU A 241 16.38 -2.64 -13.58
C GLU A 241 17.83 -2.98 -13.25
N ALA A 242 18.28 -2.58 -12.06
CA ALA A 242 19.67 -2.77 -11.63
C ALA A 242 20.64 -2.18 -12.64
N ALA A 243 20.27 -1.04 -13.23
CA ALA A 243 21.12 -0.40 -14.21
C ALA A 243 22.37 0.16 -13.53
N PRO A 244 23.55 -0.08 -14.10
CA PRO A 244 24.77 0.45 -13.46
C PRO A 244 24.81 1.97 -13.52
N ALA A 245 25.36 2.57 -12.48
CA ALA A 245 25.50 4.01 -12.38
C ALA A 245 26.78 4.44 -13.08
N GLN A 246 26.65 5.32 -14.08
CA GLN A 246 27.81 5.80 -14.82
C GLN A 246 28.54 6.93 -14.09
N SER A 247 27.98 7.46 -13.02
CA SER A 247 28.62 8.49 -12.22
C SER A 247 27.99 8.48 -10.84
N ASP A 248 28.39 9.44 -10.00
CA ASP A 248 27.92 9.49 -8.62
C ASP A 248 26.61 10.25 -8.47
N VAL A 249 26.21 11.03 -9.47
CA VAL A 249 25.00 11.84 -9.39
C VAL A 249 24.24 11.73 -10.71
N ALA A 250 22.96 11.39 -10.63
CA ALA A 250 22.07 11.36 -11.79
C ALA A 250 21.24 12.63 -11.78
N LEU A 251 21.34 13.44 -12.85
CA LEU A 251 20.62 14.69 -12.94
C LEU A 251 19.20 14.43 -13.42
N LEU A 252 18.21 14.81 -12.60
CA LEU A 252 16.81 14.66 -12.94
C LEU A 252 16.17 16.02 -13.18
N ARG A 253 15.11 16.00 -13.99
CA ARG A 253 14.37 17.23 -14.31
C ARG A 253 12.87 16.97 -14.12
N PHE A 254 12.18 17.83 -13.40
CA PHE A 254 10.75 17.73 -13.17
C PHE A 254 10.01 18.46 -14.29
N VAL A 255 9.15 17.74 -15.00
CA VAL A 255 8.52 18.24 -16.21
C VAL A 255 7.01 18.29 -16.02
N ASN A 256 6.39 19.38 -16.50
CA ASN A 256 4.94 19.47 -16.56
C ASN A 256 4.50 19.04 -17.95
N PRO A 257 3.91 17.85 -18.10
CA PRO A 257 3.55 17.38 -19.45
C PRO A 257 2.44 18.19 -20.11
N ASP A 258 1.69 18.98 -19.35
CA ASP A 258 0.68 19.86 -19.95
C ASP A 258 1.31 20.96 -20.79
N THR A 259 2.57 21.30 -20.52
CA THR A 259 3.27 22.37 -21.23
C THR A 259 4.64 21.98 -21.75
N GLY A 260 5.27 20.95 -21.20
CA GLY A 260 6.60 20.54 -21.61
C GLY A 260 7.73 21.25 -20.90
N ARG A 261 7.46 22.33 -20.16
CA ARG A 261 8.51 23.09 -19.53
C ARG A 261 9.06 22.37 -18.31
N VAL A 262 10.35 22.57 -18.06
CA VAL A 262 11.02 22.01 -16.89
C VAL A 262 10.80 22.95 -15.71
N LEU A 263 10.28 22.42 -14.60
CA LEU A 263 9.97 23.23 -13.43
C LEU A 263 11.15 23.35 -12.48
N PHE A 264 11.92 22.28 -12.29
CA PHE A 264 13.13 22.35 -11.50
C PHE A 264 13.98 21.12 -11.83
N GLU A 265 15.24 21.16 -11.40
CA GLU A 265 16.15 20.05 -11.56
C GLU A 265 16.77 19.73 -10.21
N CYS A 266 17.13 18.46 -10.03
CA CYS A 266 17.64 17.98 -8.76
C CYS A 266 18.70 16.91 -9.01
N LYS A 267 19.46 16.60 -7.95
CA LYS A 267 20.49 15.58 -7.99
C LYS A 267 19.98 14.31 -7.33
N LEU A 268 19.96 13.21 -8.08
CA LEU A 268 19.67 11.90 -7.53
C LEU A 268 21.00 11.20 -7.27
N HIS A 269 21.42 11.19 -6.02
CA HIS A 269 22.72 10.62 -5.67
C HIS A 269 22.69 9.10 -5.75
N LYS A 270 23.84 8.52 -6.11
CA LYS A 270 23.92 7.09 -6.36
C LYS A 270 23.49 6.28 -5.12
N SER A 271 23.80 6.79 -3.93
CA SER A 271 23.44 6.07 -2.71
C SER A 271 21.95 6.06 -2.45
N GLY A 272 21.18 6.93 -3.13
CA GLY A 272 19.74 6.86 -3.06
C GLY A 272 19.07 7.97 -2.28
N TYR A 273 19.34 9.22 -2.64
CA TYR A 273 18.62 10.36 -2.07
C TYR A 273 18.72 11.52 -3.05
N VAL A 274 17.91 12.55 -2.80
CA VAL A 274 17.73 13.66 -3.73
C VAL A 274 18.05 14.97 -3.02
N THR A 275 18.79 15.84 -3.69
CA THR A 275 19.08 17.18 -3.19
C THR A 275 18.66 18.22 -4.22
N VAL A 276 18.35 19.42 -3.74
CA VAL A 276 17.95 20.55 -4.57
C VAL A 276 18.72 21.77 -4.14
N ALA A 277 18.77 22.77 -5.04
CA ALA A 277 19.47 24.03 -4.78
C ALA A 277 18.47 25.01 -4.19
N HIS A 278 18.41 25.05 -2.87
CA HIS A 278 17.49 25.93 -2.16
C HIS A 278 17.92 26.03 -0.70
N THR A 279 17.53 27.13 -0.06
CA THR A 279 17.82 27.37 1.34
C THR A 279 16.52 27.76 2.04
N GLY A 280 16.17 27.03 3.08
CA GLY A 280 14.96 27.29 3.85
C GLY A 280 13.89 26.23 3.60
N GLN A 281 12.89 26.26 4.47
CA GLN A 281 11.77 25.34 4.37
C GLN A 281 10.79 25.81 3.32
N HIS A 282 10.25 24.86 2.55
CA HIS A 282 9.28 25.18 1.51
C HIS A 282 8.58 23.94 0.99
N ASP A 283 7.25 24.00 0.90
CA ASP A 283 6.49 22.97 0.21
C ASP A 283 6.43 23.29 -1.28
N LEU A 284 6.56 22.27 -2.10
CA LEU A 284 6.56 22.44 -3.55
C LEU A 284 5.14 22.28 -4.08
N VAL A 285 4.69 23.25 -4.85
CA VAL A 285 3.38 23.20 -5.51
C VAL A 285 3.62 22.72 -6.93
N ILE A 286 3.27 21.47 -7.21
CA ILE A 286 3.55 20.83 -8.49
C ILE A 286 2.24 20.60 -9.25
N PRO A 287 2.27 20.54 -10.58
CA PRO A 287 1.07 20.15 -11.30
C PRO A 287 0.74 18.69 -11.03
N PRO A 288 -0.54 18.33 -11.11
CA PRO A 288 -0.92 16.94 -10.74
C PRO A 288 -0.31 15.88 -11.64
N ASN A 289 0.13 16.24 -12.85
CA ASN A 289 0.67 15.27 -13.80
C ASN A 289 2.19 15.37 -13.94
N GLY A 290 2.84 16.20 -13.13
CA GLY A 290 4.28 16.30 -13.19
C GLY A 290 4.97 14.99 -12.85
N TYR A 291 6.20 14.85 -13.35
CA TYR A 291 6.97 13.63 -13.14
C TYR A 291 8.45 13.95 -13.27
N PHE A 292 9.28 13.07 -12.69
CA PHE A 292 10.72 13.19 -12.78
C PHE A 292 11.23 12.49 -14.04
N ARG A 293 12.25 13.07 -14.65
CA ARG A 293 12.81 12.53 -15.89
C ARG A 293 14.33 12.54 -15.79
N PHE A 294 14.94 11.37 -15.95
CA PHE A 294 16.39 11.28 -16.00
C PHE A 294 16.89 11.91 -17.30
N ASP A 295 17.92 12.75 -17.20
CA ASP A 295 18.42 13.48 -18.35
C ASP A 295 19.87 13.20 -18.68
N SER A 296 20.76 13.16 -17.69
CA SER A 296 22.17 12.90 -17.96
C SER A 296 22.87 12.58 -16.64
N TRP A 297 24.02 11.91 -16.76
CA TRP A 297 24.91 11.69 -15.62
C TRP A 297 25.85 12.88 -15.48
N VAL A 298 25.85 13.49 -14.29
CA VAL A 298 26.78 14.57 -14.00
C VAL A 298 27.67 14.12 -12.84
N ASN A 299 28.52 15.02 -12.36
CA ASN A 299 29.31 14.74 -11.18
C ASN A 299 28.73 15.48 -9.99
N GLN A 300 29.44 15.36 -8.87
CA GLN A 300 28.96 15.88 -7.60
C GLN A 300 29.11 17.38 -7.50
N PHE A 301 29.93 17.99 -8.34
CA PHE A 301 30.17 19.43 -8.30
C PHE A 301 29.28 20.20 -9.27
N TYR A 302 28.32 19.52 -9.89
CA TYR A 302 27.38 20.21 -10.76
C TYR A 302 26.57 21.21 -9.94
N THR A 303 26.23 22.34 -10.56
CA THR A 303 25.48 23.40 -9.92
C THR A 303 24.08 23.44 -10.51
N LEU A 304 23.08 23.15 -9.67
CA LEU A 304 21.70 23.12 -10.12
C LEU A 304 21.15 24.54 -10.26
N ALA A 305 20.16 24.68 -11.13
CA ALA A 305 19.41 25.92 -11.19
C ALA A 305 18.67 26.12 -9.86
N PRO A 306 18.65 27.33 -9.30
CA PRO A 306 18.09 27.56 -7.95
C PRO A 306 16.56 27.54 -7.90
N MET A 307 16.01 26.33 -7.92
CA MET A 307 14.56 26.13 -7.77
C MET A 307 14.35 24.99 -6.79
N GLY A 308 13.16 24.39 -6.81
CA GLY A 308 12.86 23.22 -6.00
C GLY A 308 13.00 23.42 -4.51
N GLN B 1 6.48 37.97 -13.66
CA GLN B 1 6.22 36.94 -14.66
C GLN B 1 4.72 36.89 -14.99
N VAL B 2 3.89 36.95 -13.95
CA VAL B 2 2.44 36.96 -14.09
C VAL B 2 1.90 38.03 -13.15
N GLN B 3 0.98 38.87 -13.66
CA GLN B 3 0.36 39.91 -12.87
C GLN B 3 -1.14 39.69 -12.80
N LEU B 4 -1.71 39.89 -11.62
CA LEU B 4 -3.12 39.64 -11.38
C LEU B 4 -3.80 40.92 -10.88
N GLN B 5 -5.09 41.03 -11.18
CA GLN B 5 -5.87 42.20 -10.80
C GLN B 5 -7.31 41.78 -10.53
N GLU B 6 -7.78 41.97 -9.31
CA GLU B 6 -9.13 41.61 -8.93
C GLU B 6 -10.10 42.74 -9.21
N SER B 7 -11.39 42.39 -9.27
CA SER B 7 -12.46 43.35 -9.51
C SER B 7 -13.78 42.69 -9.14
N GLY B 8 -14.75 43.52 -8.78
CA GLY B 8 -16.09 43.05 -8.54
C GLY B 8 -16.47 42.80 -7.09
N GLY B 9 -15.77 43.40 -6.13
CA GLY B 9 -16.13 43.31 -4.73
C GLY B 9 -17.09 44.41 -4.33
N GLY B 10 -17.16 44.65 -3.01
CA GLY B 10 -17.91 45.77 -2.51
C GLY B 10 -18.93 45.34 -1.47
N LEU B 11 -19.91 46.22 -1.24
CA LEU B 11 -20.95 46.01 -0.26
C LEU B 11 -22.09 45.16 -0.82
N VAL B 12 -22.64 44.28 0.01
CA VAL B 12 -23.70 43.38 -0.41
C VAL B 12 -24.54 43.02 0.82
N GLN B 13 -25.84 42.85 0.61
CA GLN B 13 -26.74 42.48 1.68
C GLN B 13 -26.50 41.03 2.11
N PRO B 14 -26.84 40.69 3.36
CA PRO B 14 -26.80 39.28 3.76
C PRO B 14 -27.74 38.44 2.90
N GLY B 15 -27.25 37.29 2.47
CA GLY B 15 -27.97 36.47 1.53
C GLY B 15 -27.84 36.90 0.08
N GLY B 16 -27.11 37.97 -0.19
CA GLY B 16 -26.90 38.45 -1.54
C GLY B 16 -25.88 37.61 -2.29
N SER B 17 -25.46 38.15 -3.44
CA SER B 17 -24.55 37.44 -4.32
C SER B 17 -23.54 38.41 -4.93
N LEU B 18 -22.35 37.89 -5.20
CA LEU B 18 -21.29 38.66 -5.85
C LEU B 18 -20.50 37.72 -6.74
N ARG B 19 -19.86 38.30 -7.75
CA ARG B 19 -19.01 37.54 -8.67
C ARG B 19 -17.68 38.27 -8.79
N LEU B 20 -16.62 37.67 -8.26
CA LEU B 20 -15.28 38.23 -8.35
C LEU B 20 -14.59 37.74 -9.60
N SER B 21 -13.69 38.58 -10.14
CA SER B 21 -12.95 38.26 -11.35
C SER B 21 -11.49 38.62 -11.16
N CYS B 22 -10.59 37.75 -11.64
CA CYS B 22 -9.16 37.97 -11.58
C CYS B 22 -8.63 38.08 -13.01
N ALA B 23 -8.05 39.23 -13.34
CA ALA B 23 -7.48 39.46 -14.65
C ALA B 23 -6.00 39.13 -14.63
N ALA B 24 -5.59 38.14 -15.42
CA ALA B 24 -4.21 37.70 -15.50
C ALA B 24 -3.56 38.23 -16.78
N SER B 25 -2.28 38.60 -16.67
CA SER B 25 -1.54 39.16 -17.79
C SER B 25 -0.12 38.63 -17.76
N GLY B 26 0.46 38.48 -18.94
CA GLY B 26 1.85 38.06 -19.08
C GLY B 26 1.97 36.62 -19.54
N ASP B 27 2.77 35.83 -18.82
CA ASP B 27 3.00 34.44 -19.18
C ASP B 27 1.89 33.56 -18.58
N ILE B 28 0.66 33.82 -19.02
CA ILE B 28 -0.48 33.08 -18.49
C ILE B 28 -0.42 31.60 -18.88
N PHE B 29 0.30 31.26 -19.95
CA PHE B 29 0.42 29.87 -20.37
C PHE B 29 1.13 29.02 -19.32
N SER B 30 1.90 29.63 -18.43
CA SER B 30 2.66 28.90 -17.42
C SER B 30 1.87 28.61 -16.14
N ILE B 31 0.65 29.12 -16.02
CA ILE B 31 -0.15 28.91 -14.81
C ILE B 31 -0.74 27.51 -14.86
N TYR B 32 -0.61 26.77 -13.76
CA TYR B 32 -1.26 25.47 -13.67
C TYR B 32 -2.12 25.32 -12.43
N LEU B 33 -2.26 26.37 -11.62
CA LEU B 33 -3.17 26.34 -10.48
C LEU B 33 -3.66 27.77 -10.24
N MET B 34 -4.98 27.94 -10.27
CA MET B 34 -5.63 29.22 -10.01
C MET B 34 -6.51 29.10 -8.78
N GLY B 35 -6.53 30.13 -7.96
CA GLY B 35 -7.28 30.03 -6.71
C GLY B 35 -7.70 31.37 -6.18
N TRP B 36 -8.51 31.30 -5.12
CA TRP B 36 -9.02 32.47 -4.41
C TRP B 36 -8.72 32.32 -2.94
N TYR B 37 -8.19 33.37 -2.33
CA TYR B 37 -7.93 33.42 -0.89
C TYR B 37 -8.69 34.58 -0.28
N ARG B 38 -8.84 34.55 1.04
CA ARG B 38 -9.51 35.64 1.73
C ARG B 38 -8.87 35.84 3.09
N GLN B 39 -8.88 37.09 3.55
CA GLN B 39 -8.33 37.49 4.84
C GLN B 39 -9.42 38.22 5.60
N SER B 40 -10.03 37.55 6.57
CA SER B 40 -11.12 38.10 7.35
C SER B 40 -10.58 38.90 8.54
N PRO B 41 -11.37 39.83 9.07
CA PRO B 41 -10.90 40.63 10.21
C PRO B 41 -10.47 39.75 11.38
N GLY B 42 -9.29 40.03 11.91
CA GLY B 42 -8.77 39.27 13.03
C GLY B 42 -8.37 37.86 12.69
N LYS B 43 -8.07 37.56 11.43
CA LYS B 43 -7.72 36.22 11.00
C LYS B 43 -6.60 36.30 9.97
N GLN B 44 -5.84 35.21 9.88
CA GLN B 44 -4.82 35.10 8.85
C GLN B 44 -5.47 34.82 7.49
N ARG B 45 -4.69 34.99 6.43
CA ARG B 45 -5.16 34.65 5.10
C ARG B 45 -5.44 33.16 5.01
N GLU B 46 -6.55 32.80 4.38
CA GLU B 46 -6.96 31.41 4.28
C GLU B 46 -7.46 31.12 2.87
N LEU B 47 -7.32 29.86 2.47
CA LEU B 47 -7.75 29.43 1.15
C LEU B 47 -9.26 29.37 1.07
N VAL B 48 -9.80 29.70 -0.11
CA VAL B 48 -11.23 29.62 -0.39
C VAL B 48 -11.52 28.55 -1.44
N ALA B 49 -10.84 28.61 -2.58
CA ALA B 49 -11.07 27.67 -3.65
C ALA B 49 -9.88 27.67 -4.60
N THR B 50 -9.64 26.53 -5.24
CA THR B 50 -8.60 26.38 -6.25
C THR B 50 -9.15 25.62 -7.45
N ILE B 51 -8.48 25.79 -8.59
CA ILE B 51 -8.84 25.07 -9.81
C ILE B 51 -7.58 24.88 -10.64
N THR B 52 -7.42 23.68 -11.19
CA THR B 52 -6.27 23.36 -12.02
C THR B 52 -6.57 23.68 -13.49
N SER B 53 -5.54 23.57 -14.33
CA SER B 53 -5.71 23.77 -15.76
C SER B 53 -6.71 22.78 -16.33
N SER B 54 -6.66 21.52 -15.87
CA SER B 54 -7.58 20.50 -16.36
C SER B 54 -9.00 20.69 -15.83
N GLY B 55 -9.17 21.47 -14.76
CA GLY B 55 -10.49 21.73 -14.22
C GLY B 55 -10.78 21.09 -12.87
N GLU B 56 -9.81 20.46 -12.23
CA GLU B 56 -10.03 19.87 -10.90
C GLU B 56 -10.14 20.99 -9.88
N THR B 57 -11.26 21.02 -9.15
CA THR B 57 -11.56 22.09 -8.22
C THR B 57 -11.50 21.60 -6.78
N LYS B 58 -11.33 22.56 -5.87
CA LYS B 58 -11.36 22.30 -4.44
C LYS B 58 -11.99 23.52 -3.76
N HIS B 59 -13.03 23.28 -2.96
CA HIS B 59 -13.68 24.34 -2.19
C HIS B 59 -13.62 23.97 -0.72
N VAL B 60 -13.19 24.93 0.12
CA VAL B 60 -13.12 24.67 1.55
C VAL B 60 -14.53 24.45 2.11
N TYR B 61 -14.58 23.80 3.27
CA TYR B 61 -15.86 23.37 3.83
C TYR B 61 -16.79 24.55 4.10
N SER B 62 -16.23 25.68 4.55
CA SER B 62 -17.06 26.79 4.97
C SER B 62 -17.79 27.46 3.81
N VAL B 63 -17.36 27.22 2.57
CA VAL B 63 -17.98 27.82 1.39
C VAL B 63 -18.56 26.76 0.45
N LYS B 64 -18.46 25.48 0.79
CA LYS B 64 -18.99 24.42 -0.07
C LYS B 64 -20.49 24.61 -0.30
N GLY B 65 -20.89 24.53 -1.57
CA GLY B 65 -22.28 24.72 -1.95
C GLY B 65 -22.71 26.15 -2.10
N ARG B 66 -21.88 27.12 -1.71
CA ARG B 66 -22.18 28.54 -1.86
C ARG B 66 -21.26 29.25 -2.84
N PHE B 67 -19.96 28.95 -2.79
CA PHE B 67 -18.99 29.56 -3.69
C PHE B 67 -18.63 28.57 -4.80
N THR B 68 -18.38 29.11 -5.99
CA THR B 68 -18.07 28.30 -7.16
C THR B 68 -16.94 28.94 -7.94
N ILE B 69 -15.82 28.22 -8.06
CA ILE B 69 -14.68 28.71 -8.83
C ILE B 69 -14.80 28.20 -10.26
N SER B 70 -14.37 29.03 -11.21
CA SER B 70 -14.36 28.68 -12.62
C SER B 70 -13.26 29.48 -13.29
N ARG B 71 -12.83 29.01 -14.45
CA ARG B 71 -11.70 29.62 -15.15
C ARG B 71 -11.92 29.55 -16.66
N GLU B 72 -11.27 30.47 -17.37
CA GLU B 72 -11.23 30.43 -18.82
C GLU B 72 -10.18 29.43 -19.28
N ASN B 73 -10.45 28.77 -20.40
CA ASN B 73 -9.54 27.74 -20.91
C ASN B 73 -8.17 28.32 -21.24
N ALA B 74 -8.10 29.62 -21.59
CA ALA B 74 -6.84 30.27 -21.89
C ALA B 74 -6.09 30.72 -20.64
N LYS B 75 -6.73 30.64 -19.46
CA LYS B 75 -6.12 31.00 -18.19
C LYS B 75 -5.77 32.50 -18.13
N ASN B 76 -6.54 33.34 -18.82
CA ASN B 76 -6.41 34.78 -18.70
C ASN B 76 -7.33 35.37 -17.64
N ALA B 77 -8.27 34.59 -17.11
CA ALA B 77 -9.19 35.06 -16.09
C ALA B 77 -9.87 33.86 -15.43
N TRP B 78 -10.02 33.93 -14.11
CA TRP B 78 -10.85 32.98 -13.39
C TRP B 78 -11.78 33.75 -12.45
N TYR B 79 -12.83 33.07 -11.98
CA TYR B 79 -13.94 33.73 -11.33
C TYR B 79 -14.31 33.01 -10.04
N LEU B 80 -15.13 33.69 -9.23
CA LEU B 80 -15.64 33.15 -7.98
C LEU B 80 -17.09 33.63 -7.83
N GLN B 81 -18.04 32.73 -8.06
CA GLN B 81 -19.45 33.04 -7.88
C GLN B 81 -19.83 32.80 -6.42
N MET B 82 -20.14 33.88 -5.71
CA MET B 82 -20.42 33.83 -4.28
C MET B 82 -21.92 34.04 -4.07
N ASN B 83 -22.61 32.99 -3.63
CA ASN B 83 -24.03 33.05 -3.34
C ASN B 83 -24.27 32.80 -1.85
N SER B 84 -25.45 33.20 -1.39
CA SER B 84 -25.86 33.03 0.00
C SER B 84 -24.82 33.60 0.96
N LEU B 85 -24.46 34.86 0.73
CA LEU B 85 -23.40 35.49 1.49
C LEU B 85 -23.86 35.75 2.92
N LYS B 86 -22.92 35.57 3.85
CA LYS B 86 -23.14 35.79 5.28
C LYS B 86 -22.11 36.78 5.79
N PRO B 87 -22.39 37.46 6.91
CA PRO B 87 -21.41 38.41 7.46
C PRO B 87 -20.05 37.78 7.75
N GLU B 88 -19.99 36.46 7.93
CA GLU B 88 -18.72 35.80 8.17
C GLU B 88 -17.83 35.81 6.94
N ASP B 89 -18.40 35.98 5.75
CA ASP B 89 -17.64 36.04 4.51
C ASP B 89 -16.98 37.39 4.28
N THR B 90 -17.14 38.34 5.21
CA THR B 90 -16.54 39.67 5.06
C THR B 90 -15.02 39.57 5.17
N GLY B 91 -14.34 40.20 4.22
CA GLY B 91 -12.89 40.22 4.24
C GLY B 91 -12.34 40.64 2.90
N VAL B 92 -11.02 40.73 2.84
CA VAL B 92 -10.30 41.04 1.62
C VAL B 92 -10.02 39.75 0.87
N TYR B 93 -10.47 39.68 -0.38
CA TYR B 93 -10.32 38.48 -1.20
C TYR B 93 -9.22 38.69 -2.23
N TYR B 94 -8.26 37.77 -2.25
CA TYR B 94 -7.13 37.82 -3.17
C TYR B 94 -7.23 36.66 -4.15
N CYS B 95 -7.05 36.94 -5.43
CA CYS B 95 -6.88 35.87 -6.42
C CYS B 95 -5.41 35.48 -6.49
N HIS B 96 -5.17 34.23 -6.82
CA HIS B 96 -3.83 33.64 -6.76
C HIS B 96 -3.61 32.77 -7.97
N ALA B 97 -2.33 32.58 -8.32
CA ALA B 97 -1.95 31.76 -9.45
C ALA B 97 -0.55 31.21 -9.22
N VAL B 98 -0.38 29.91 -9.41
CA VAL B 98 0.91 29.24 -9.24
C VAL B 98 1.53 29.06 -10.61
N THR B 99 2.77 29.52 -10.77
CA THR B 99 3.52 29.36 -12.02
C THR B 99 4.74 28.46 -11.90
N GLY B 100 5.26 28.26 -10.68
CA GLY B 100 6.38 27.38 -10.45
C GLY B 100 6.24 26.67 -9.13
N VAL B 101 7.21 25.82 -8.82
CA VAL B 101 7.15 25.04 -7.59
C VAL B 101 7.23 25.95 -6.37
N ILE B 102 7.87 27.12 -6.50
CA ILE B 102 7.96 28.08 -5.42
C ILE B 102 7.72 29.48 -5.96
N ALA B 103 7.10 29.57 -7.14
CA ALA B 103 6.84 30.83 -7.80
C ALA B 103 5.34 31.01 -8.00
N SER B 104 4.81 32.13 -7.52
CA SER B 104 3.39 32.43 -7.66
C SER B 104 3.20 33.94 -7.63
N SER B 105 2.01 34.37 -8.05
CA SER B 105 1.66 35.78 -8.08
C SER B 105 0.37 36.01 -7.33
N TRP B 106 0.29 37.15 -6.63
CA TRP B 106 -0.87 37.52 -5.84
C TRP B 106 -1.54 38.74 -6.44
N GLY B 107 -2.86 38.77 -6.37
CA GLY B 107 -3.61 39.96 -6.72
C GLY B 107 -3.49 41.02 -5.64
N GLN B 108 -4.10 42.18 -5.91
CA GLN B 108 -4.03 43.29 -4.98
C GLN B 108 -4.97 43.09 -3.79
N GLY B 109 -6.14 42.50 -4.03
CA GLY B 109 -7.08 42.27 -2.96
C GLY B 109 -8.28 43.20 -3.00
N THR B 110 -9.47 42.64 -3.16
CA THR B 110 -10.71 43.40 -3.19
C THR B 110 -11.49 43.15 -1.90
N GLN B 111 -12.11 44.21 -1.38
CA GLN B 111 -12.86 44.12 -0.14
C GLN B 111 -14.28 43.65 -0.42
N VAL B 112 -14.71 42.62 0.29
CA VAL B 112 -16.07 42.11 0.24
C VAL B 112 -16.66 42.27 1.64
N THR B 113 -17.78 42.99 1.72
CA THR B 113 -18.41 43.30 3.01
C THR B 113 -19.88 42.90 2.93
N VAL B 114 -20.28 41.97 3.79
CA VAL B 114 -21.66 41.49 3.86
C VAL B 114 -22.29 42.11 5.11
N SER B 115 -23.17 43.08 4.91
CA SER B 115 -23.82 43.77 6.01
C SER B 115 -25.01 44.54 5.48
N SER B 116 -26.04 44.68 6.31
CA SER B 116 -27.17 45.52 5.97
C SER B 116 -26.72 46.98 5.94
N HIS B 117 -27.16 47.70 4.92
CA HIS B 117 -26.78 49.10 4.76
C HIS B 117 -27.89 49.84 4.02
N HIS B 118 -27.66 51.14 3.80
CA HIS B 118 -28.62 51.99 3.10
C HIS B 118 -28.82 51.55 1.66
N GLN C 1 9.20 -38.66 -11.03
CA GLN C 1 10.60 -38.30 -11.28
C GLN C 1 11.43 -38.47 -10.02
N VAL C 2 10.81 -38.22 -8.86
CA VAL C 2 11.49 -38.30 -7.57
C VAL C 2 10.73 -39.27 -6.68
N GLN C 3 11.45 -40.22 -6.09
CA GLN C 3 10.88 -41.17 -5.15
C GLN C 3 11.68 -41.13 -3.85
N LEU C 4 10.98 -41.21 -2.73
CA LEU C 4 11.59 -41.07 -1.42
C LEU C 4 11.18 -42.22 -0.50
N GLN C 5 12.00 -42.43 0.52
CA GLN C 5 11.75 -43.43 1.55
C GLN C 5 12.21 -42.88 2.88
N GLU C 6 11.39 -43.04 3.92
CA GLU C 6 11.70 -42.56 5.25
C GLU C 6 12.23 -43.69 6.12
N SER C 7 12.95 -43.31 7.18
CA SER C 7 13.56 -44.28 8.09
C SER C 7 13.95 -43.58 9.38
N GLY C 8 13.47 -44.09 10.51
CA GLY C 8 13.86 -43.55 11.79
C GLY C 8 12.78 -43.54 12.86
N GLY C 9 11.62 -44.12 12.54
CA GLY C 9 10.50 -44.14 13.46
C GLY C 9 10.66 -45.18 14.56
N GLY C 10 9.54 -45.55 15.15
CA GLY C 10 9.51 -46.58 16.18
C GLY C 10 8.97 -46.07 17.49
N LEU C 11 9.17 -46.87 18.53
CA LEU C 11 8.69 -46.54 19.87
C LEU C 11 9.79 -45.81 20.65
N VAL C 12 9.37 -44.83 21.45
CA VAL C 12 10.27 -44.12 22.35
C VAL C 12 9.45 -43.60 23.52
N GLN C 13 10.14 -43.31 24.63
CA GLN C 13 9.47 -42.84 25.83
C GLN C 13 9.21 -41.33 25.73
N PRO C 14 8.17 -40.84 26.40
CA PRO C 14 7.92 -39.39 26.42
C PRO C 14 9.12 -38.63 26.94
N GLY C 15 9.40 -37.49 26.31
CA GLY C 15 10.61 -36.75 26.59
C GLY C 15 11.85 -37.25 25.88
N GLY C 16 11.74 -38.35 25.13
CA GLY C 16 12.86 -38.90 24.39
C GLY C 16 13.15 -38.13 23.12
N SER C 17 13.81 -38.80 22.19
CA SER C 17 14.23 -38.16 20.95
C SER C 17 14.32 -39.20 19.84
N LEU C 18 13.93 -38.79 18.63
CA LEU C 18 14.07 -39.59 17.43
C LEU C 18 14.54 -38.69 16.30
N ARG C 19 15.31 -39.26 15.38
CA ARG C 19 15.78 -38.56 14.19
C ARG C 19 15.25 -39.29 12.96
N LEU C 20 14.38 -38.63 12.21
CA LEU C 20 13.81 -39.21 11.01
C LEU C 20 14.62 -38.81 9.79
N SER C 21 14.80 -39.75 8.87
CA SER C 21 15.53 -39.52 7.64
C SER C 21 14.62 -39.78 6.44
N CYS C 22 15.00 -39.22 5.30
CA CYS C 22 14.26 -39.41 4.06
C CYS C 22 15.23 -39.29 2.90
N ALA C 23 15.35 -40.37 2.11
CA ALA C 23 16.32 -40.45 1.04
C ALA C 23 15.63 -40.18 -0.30
N ALA C 24 16.23 -39.30 -1.10
CA ALA C 24 15.70 -38.94 -2.40
C ALA C 24 16.62 -39.44 -3.51
N SER C 25 16.08 -39.57 -4.72
CA SER C 25 16.83 -40.08 -5.85
C SER C 25 16.12 -39.70 -7.15
N GLY C 26 16.90 -39.36 -8.17
CA GLY C 26 16.37 -39.10 -9.48
C GLY C 26 15.97 -37.64 -9.72
N ASP C 27 16.88 -36.87 -10.32
CA ASP C 27 16.64 -35.46 -10.64
C ASP C 27 16.27 -34.67 -9.37
N ILE C 28 17.04 -34.89 -8.32
CA ILE C 28 16.88 -34.10 -7.10
C ILE C 28 17.28 -32.64 -7.30
N PHE C 29 17.94 -32.34 -8.42
CA PHE C 29 18.20 -30.96 -8.81
C PHE C 29 16.91 -30.16 -8.99
N SER C 30 15.78 -30.84 -9.22
CA SER C 30 14.49 -30.17 -9.37
C SER C 30 13.82 -29.89 -8.04
N ILE C 31 14.19 -30.60 -6.97
CA ILE C 31 13.55 -30.41 -5.68
C ILE C 31 13.88 -29.02 -5.14
N TYR C 32 12.85 -28.28 -4.72
CA TYR C 32 13.06 -26.97 -4.12
C TYR C 32 12.30 -26.76 -2.81
N LEU C 33 11.52 -27.73 -2.35
CA LEU C 33 10.89 -27.66 -1.04
C LEU C 33 10.83 -29.06 -0.44
N MET C 34 11.42 -29.21 0.74
CA MET C 34 11.47 -30.48 1.45
C MET C 34 10.74 -30.34 2.78
N GLY C 35 9.82 -31.26 3.07
CA GLY C 35 8.96 -31.13 4.22
C GLY C 35 8.70 -32.45 4.90
N TRP C 36 8.14 -32.34 6.11
CA TRP C 36 7.70 -33.48 6.90
C TRP C 36 6.24 -33.30 7.27
N TYR C 37 5.47 -34.38 7.17
CA TYR C 37 4.07 -34.39 7.58
C TYR C 37 3.85 -35.53 8.56
N ARG C 38 2.76 -35.45 9.31
CA ARG C 38 2.40 -36.52 10.23
C ARG C 38 0.89 -36.73 10.19
N GLN C 39 0.49 -37.98 10.44
CA GLN C 39 -0.91 -38.38 10.41
C GLN C 39 -1.29 -38.93 11.79
N SER C 40 -1.83 -38.05 12.63
CA SER C 40 -2.33 -38.48 13.92
C SER C 40 -3.63 -39.27 13.76
N PRO C 41 -3.94 -40.17 14.69
CA PRO C 41 -5.16 -40.96 14.56
C PRO C 41 -6.40 -40.10 14.79
N GLY C 42 -7.36 -40.21 13.87
CA GLY C 42 -8.59 -39.45 13.94
C GLY C 42 -8.53 -38.07 13.31
N LYS C 43 -7.34 -37.57 13.00
CA LYS C 43 -7.17 -36.25 12.40
C LYS C 43 -6.66 -36.39 10.97
N GLN C 44 -6.65 -35.27 10.26
CA GLN C 44 -6.17 -35.25 8.89
C GLN C 44 -4.65 -35.10 8.85
N ARG C 45 -4.07 -35.30 7.67
CA ARG C 45 -2.64 -35.13 7.49
C ARG C 45 -2.28 -33.66 7.65
N GLU C 46 -1.44 -33.35 8.63
CA GLU C 46 -1.01 -31.99 8.90
C GLU C 46 0.49 -31.85 8.67
N LEU C 47 0.91 -30.61 8.43
CA LEU C 47 2.30 -30.31 8.16
C LEU C 47 3.09 -30.24 9.47
N VAL C 48 4.37 -30.62 9.39
CA VAL C 48 5.29 -30.54 10.53
C VAL C 48 6.33 -29.44 10.31
N ALA C 49 7.07 -29.50 9.21
CA ALA C 49 8.11 -28.53 8.92
C ALA C 49 8.48 -28.61 7.46
N THR C 50 8.97 -27.49 6.92
CA THR C 50 9.46 -27.41 5.55
C THR C 50 10.82 -26.74 5.53
N ILE C 51 11.51 -26.90 4.40
CA ILE C 51 12.78 -26.23 4.16
C ILE C 51 12.99 -26.11 2.66
N THR C 52 13.48 -24.96 2.22
CA THR C 52 13.72 -24.72 0.81
C THR C 52 15.16 -25.07 0.45
N SER C 53 15.48 -24.97 -0.84
CA SER C 53 16.86 -25.19 -1.28
C SER C 53 17.80 -24.16 -0.68
N SER C 54 17.32 -22.92 -0.54
CA SER C 54 18.12 -21.86 0.06
C SER C 54 18.25 -22.00 1.58
N GLY C 55 17.53 -22.93 2.19
CA GLY C 55 17.58 -23.14 3.62
C GLY C 55 16.49 -22.45 4.43
N GLU C 56 15.49 -21.87 3.78
CA GLU C 56 14.42 -21.18 4.49
C GLU C 56 13.49 -22.21 5.14
N THR C 57 13.41 -22.17 6.47
CA THR C 57 12.68 -23.17 7.23
C THR C 57 11.36 -22.61 7.77
N LYS C 58 10.42 -23.52 7.99
CA LYS C 58 9.18 -23.22 8.69
C LYS C 58 8.80 -24.43 9.53
N HIS C 59 8.53 -24.21 10.81
CA HIS C 59 8.01 -25.24 11.70
C HIS C 59 6.62 -24.85 12.16
N VAL C 60 5.82 -25.84 12.52
CA VAL C 60 4.48 -25.55 13.03
C VAL C 60 4.57 -25.22 14.52
N TYR C 61 3.56 -24.48 15.00
CA TYR C 61 3.60 -23.96 16.36
C TYR C 61 3.72 -25.07 17.39
N SER C 62 3.07 -26.21 17.15
CA SER C 62 3.07 -27.29 18.14
C SER C 62 4.44 -27.92 18.33
N VAL C 63 5.37 -27.73 17.39
CA VAL C 63 6.69 -28.36 17.47
C VAL C 63 7.81 -27.33 17.55
N LYS C 64 7.48 -26.05 17.71
CA LYS C 64 8.50 -25.01 17.79
C LYS C 64 9.44 -25.24 18.95
N GLY C 65 10.74 -25.19 18.68
CA GLY C 65 11.76 -25.42 19.68
C GLY C 65 12.07 -26.87 19.97
N ARG C 66 11.15 -27.79 19.67
CA ARG C 66 11.38 -29.22 19.88
C ARG C 66 11.86 -29.94 18.62
N PHE C 67 11.27 -29.63 17.47
CA PHE C 67 11.62 -30.26 16.21
C PHE C 67 12.53 -29.35 15.40
N THR C 68 13.31 -29.94 14.51
CA THR C 68 14.23 -29.19 13.65
C THR C 68 14.37 -29.92 12.34
N ILE C 69 14.20 -29.19 11.23
CA ILE C 69 14.37 -29.74 9.89
C ILE C 69 15.74 -29.35 9.38
N SER C 70 16.35 -30.26 8.61
CA SER C 70 17.65 -30.03 8.01
C SER C 70 17.74 -30.83 6.73
N ARG C 71 18.58 -30.38 5.80
CA ARG C 71 18.73 -31.03 4.51
C ARG C 71 20.18 -30.97 4.06
N GLU C 72 20.58 -31.96 3.26
CA GLU C 72 21.89 -31.94 2.63
C GLU C 72 21.87 -31.00 1.43
N ASN C 73 23.03 -30.39 1.17
CA ASN C 73 23.12 -29.41 0.09
C ASN C 73 22.82 -30.03 -1.27
N ALA C 74 22.98 -31.34 -1.43
CA ALA C 74 22.67 -32.03 -2.67
C ALA C 74 21.21 -32.45 -2.77
N LYS C 75 20.41 -32.19 -1.74
CA LYS C 75 18.98 -32.52 -1.70
C LYS C 75 18.71 -34.01 -1.88
N ASN C 76 19.72 -34.86 -1.63
CA ASN C 76 19.51 -36.30 -1.65
C ASN C 76 18.87 -36.82 -0.37
N ALA C 77 18.84 -36.01 0.69
CA ALA C 77 18.26 -36.43 1.96
C ALA C 77 17.98 -35.19 2.81
N TRP C 78 16.91 -35.28 3.60
CA TRP C 78 16.62 -34.28 4.62
C TRP C 78 16.11 -34.99 5.86
N TYR C 79 16.32 -34.36 7.01
CA TYR C 79 16.09 -35.01 8.30
C TYR C 79 15.11 -34.21 9.15
N LEU C 80 14.71 -34.81 10.27
CA LEU C 80 13.80 -34.18 11.23
C LEU C 80 14.26 -34.60 12.62
N GLN C 81 14.97 -33.71 13.31
CA GLN C 81 15.43 -33.98 14.67
C GLN C 81 14.28 -33.67 15.63
N MET C 82 13.67 -34.71 16.19
CA MET C 82 12.57 -34.57 17.13
C MET C 82 13.12 -34.72 18.55
N ASN C 83 13.00 -33.66 19.34
CA ASN C 83 13.44 -33.66 20.74
C ASN C 83 12.26 -33.40 21.65
N SER C 84 12.34 -33.95 22.86
CA SER C 84 11.27 -33.84 23.86
C SER C 84 9.94 -34.27 23.26
N LEU C 85 9.72 -35.58 23.12
CA LEU C 85 8.55 -36.10 22.43
C LEU C 85 7.39 -36.25 23.40
N LYS C 86 6.23 -35.75 23.01
CA LYS C 86 5.04 -35.76 23.85
C LYS C 86 4.01 -36.74 23.30
N PRO C 87 3.01 -37.13 24.09
CA PRO C 87 1.99 -38.07 23.58
C PRO C 87 1.26 -37.57 22.35
N GLU C 88 1.21 -36.26 22.12
CA GLU C 88 0.54 -35.73 20.94
C GLU C 88 1.32 -35.94 19.66
N ASP C 89 2.57 -36.40 19.74
CA ASP C 89 3.41 -36.62 18.57
C ASP C 89 3.22 -37.99 17.95
N THR C 90 2.21 -38.73 18.42
CA THR C 90 2.04 -40.12 17.94
C THR C 90 1.33 -40.10 16.58
N GLY C 91 1.89 -40.81 15.60
CA GLY C 91 1.28 -40.89 14.30
C GLY C 91 2.28 -41.32 13.26
N VAL C 92 1.76 -41.56 12.05
CA VAL C 92 2.59 -41.92 10.91
C VAL C 92 3.19 -40.66 10.32
N TYR C 93 4.51 -40.68 10.08
CA TYR C 93 5.24 -39.53 9.58
C TYR C 93 5.65 -39.77 8.13
N TYR C 94 5.20 -38.89 7.24
CA TYR C 94 5.56 -38.95 5.83
C TYR C 94 6.50 -37.79 5.51
N CYS C 95 7.59 -38.09 4.80
CA CYS C 95 8.43 -37.04 4.25
C CYS C 95 7.92 -36.64 2.87
N HIS C 96 8.09 -35.36 2.56
CA HIS C 96 7.45 -34.77 1.39
C HIS C 96 8.46 -33.98 0.57
N ALA C 97 8.20 -33.91 -0.73
CA ALA C 97 9.07 -33.17 -1.65
C ALA C 97 8.20 -32.55 -2.74
N VAL C 98 8.57 -31.35 -3.17
CA VAL C 98 7.87 -30.62 -4.22
C VAL C 98 8.80 -30.50 -5.42
N THR C 99 8.37 -31.04 -6.55
CA THR C 99 9.15 -31.02 -7.79
C THR C 99 8.66 -30.00 -8.80
N GLY C 100 7.37 -29.64 -8.75
CA GLY C 100 6.81 -28.67 -9.65
C GLY C 100 5.67 -27.93 -8.99
N VAL C 101 5.09 -26.98 -9.72
CA VAL C 101 3.98 -26.18 -9.19
C VAL C 101 2.81 -27.08 -8.79
N ILE C 102 2.62 -28.18 -9.52
CA ILE C 102 1.62 -29.17 -9.16
C ILE C 102 2.25 -30.48 -8.70
N ALA C 103 3.39 -30.87 -9.27
CA ALA C 103 3.97 -32.17 -8.99
C ALA C 103 4.55 -32.23 -7.58
N SER C 104 4.39 -33.39 -6.95
CA SER C 104 4.95 -33.66 -5.63
C SER C 104 4.97 -35.16 -5.41
N SER C 105 5.87 -35.61 -4.53
CA SER C 105 6.02 -37.01 -4.21
C SER C 105 6.07 -37.21 -2.70
N TRP C 106 5.46 -38.29 -2.24
CA TRP C 106 5.38 -38.61 -0.83
C TRP C 106 6.29 -39.79 -0.49
N GLY C 107 6.41 -40.07 0.81
CA GLY C 107 7.11 -41.25 1.26
C GLY C 107 6.16 -42.41 1.51
N GLN C 108 6.71 -43.58 1.81
CA GLN C 108 5.86 -44.79 1.97
C GLN C 108 5.11 -44.69 3.29
N LYS D 2 8.60 0.23 -28.34
CA LYS D 2 9.10 -0.35 -27.10
C LYS D 2 8.73 -1.82 -26.99
N PRO D 3 9.69 -2.66 -26.63
CA PRO D 3 9.40 -4.08 -26.45
C PRO D 3 8.63 -4.34 -25.15
N PHE D 4 7.73 -5.31 -25.20
CA PHE D 4 6.89 -5.63 -24.06
C PHE D 4 7.65 -6.50 -23.06
N SER D 5 7.29 -6.36 -21.79
CA SER D 5 7.92 -7.13 -20.72
C SER D 5 7.04 -7.05 -19.48
N VAL D 6 7.27 -7.99 -18.57
CA VAL D 6 6.57 -8.02 -17.28
C VAL D 6 7.61 -7.79 -16.19
N PRO D 7 7.19 -7.31 -15.02
CA PRO D 7 8.14 -7.13 -13.92
C PRO D 7 8.81 -8.43 -13.52
N VAL D 8 10.02 -8.28 -12.97
CA VAL D 8 10.79 -9.43 -12.49
C VAL D 8 10.56 -9.68 -10.99
N LEU D 9 9.57 -9.03 -10.39
CA LEU D 9 9.30 -9.24 -8.97
C LEU D 9 8.69 -10.62 -8.74
N THR D 10 9.13 -11.28 -7.67
CA THR D 10 8.54 -12.54 -7.27
C THR D 10 7.10 -12.32 -6.78
N VAL D 11 6.35 -13.43 -6.68
CA VAL D 11 4.95 -13.33 -6.30
C VAL D 11 4.80 -12.69 -4.92
N GLU D 12 5.64 -13.10 -3.96
CA GLU D 12 5.53 -12.58 -2.60
C GLU D 12 6.01 -11.14 -2.47
N GLU D 13 6.69 -10.60 -3.48
CA GLU D 13 7.12 -9.20 -3.47
C GLU D 13 6.07 -8.26 -4.05
N MET D 14 4.93 -8.79 -4.50
CA MET D 14 3.91 -8.00 -5.17
C MET D 14 2.68 -7.86 -4.29
N THR D 15 1.82 -6.92 -4.67
CA THR D 15 0.66 -6.53 -3.89
C THR D 15 -0.61 -6.96 -4.61
N ASN D 16 -1.59 -7.43 -3.84
CA ASN D 16 -2.91 -7.67 -4.40
C ASN D 16 -3.51 -6.35 -4.88
N SER D 17 -4.15 -6.39 -6.05
CA SER D 17 -4.68 -5.18 -6.66
C SER D 17 -6.12 -4.89 -6.27
N ARG D 18 -6.70 -5.68 -5.36
CA ARG D 18 -8.06 -5.44 -4.90
C ARG D 18 -8.14 -5.18 -3.40
N PHE D 19 -7.01 -5.23 -2.69
CA PHE D 19 -6.95 -4.98 -1.25
C PHE D 19 -5.50 -4.71 -0.90
N PRO D 20 -5.21 -3.74 -0.03
CA PRO D 20 -3.81 -3.43 0.30
C PRO D 20 -3.15 -4.53 1.13
N ILE D 21 -3.01 -5.72 0.53
CA ILE D 21 -2.31 -6.83 1.18
C ILE D 21 -1.41 -7.51 0.17
N PRO D 22 -0.33 -8.12 0.64
CA PRO D 22 0.60 -8.79 -0.29
C PRO D 22 0.00 -10.05 -0.89
N LEU D 23 0.53 -10.42 -2.05
CA LEU D 23 0.18 -11.70 -2.66
C LEU D 23 0.80 -12.84 -1.87
N GLU D 24 0.10 -13.98 -1.85
CA GLU D 24 0.57 -15.15 -1.13
C GLU D 24 0.84 -16.34 -2.02
N LYS D 25 0.04 -16.57 -3.05
CA LYS D 25 0.20 -17.75 -3.88
C LYS D 25 -0.54 -17.55 -5.19
N LEU D 26 -0.25 -18.41 -6.15
CA LEU D 26 -1.02 -18.50 -7.38
C LEU D 26 -2.06 -19.58 -7.24
N PHE D 27 -3.23 -19.37 -7.85
CA PHE D 27 -4.34 -20.30 -7.73
C PHE D 27 -5.08 -20.37 -9.05
N THR D 28 -5.45 -21.60 -9.45
CA THR D 28 -6.24 -21.81 -10.64
C THR D 28 -7.41 -22.73 -10.32
N GLY D 29 -8.52 -22.52 -11.01
CA GLY D 29 -9.71 -23.30 -10.82
C GLY D 29 -10.79 -22.94 -11.83
N PRO D 30 -11.85 -23.74 -11.88
CA PRO D 30 -12.95 -23.42 -12.80
C PRO D 30 -13.66 -22.15 -12.37
N SER D 31 -14.08 -21.36 -13.36
CA SER D 31 -14.71 -20.06 -13.11
C SER D 31 -16.00 -19.92 -13.90
N SER D 32 -16.69 -21.04 -14.16
CA SER D 32 -17.97 -20.99 -14.87
C SER D 32 -19.16 -20.86 -13.95
N ALA D 33 -19.00 -21.15 -12.66
CA ALA D 33 -20.10 -21.06 -11.69
C ALA D 33 -20.32 -19.65 -11.18
N PHE D 34 -19.51 -18.68 -11.59
CA PHE D 34 -19.66 -17.30 -11.13
C PHE D 34 -19.17 -16.36 -12.20
N VAL D 35 -19.48 -15.07 -12.03
CA VAL D 35 -19.05 -14.04 -12.96
C VAL D 35 -17.77 -13.42 -12.42
N VAL D 36 -16.71 -13.48 -13.21
CA VAL D 36 -15.42 -12.91 -12.84
C VAL D 36 -15.34 -11.53 -13.50
N GLN D 37 -15.81 -10.52 -12.77
CA GLN D 37 -15.84 -9.15 -13.27
C GLN D 37 -15.38 -8.18 -12.19
N PRO D 38 -14.13 -8.27 -11.75
CA PRO D 38 -13.62 -7.29 -10.79
C PRO D 38 -13.31 -5.97 -11.49
N GLN D 39 -13.42 -4.89 -10.72
CA GLN D 39 -13.18 -3.55 -11.25
C GLN D 39 -11.82 -2.99 -10.87
N ASN D 40 -11.21 -3.50 -9.80
CA ASN D 40 -9.84 -3.16 -9.45
C ASN D 40 -8.89 -4.19 -10.04
N GLY D 41 -7.65 -3.77 -10.27
CA GLY D 41 -6.68 -4.63 -10.91
C GLY D 41 -6.98 -4.94 -12.35
N ARG D 42 -7.56 -3.98 -13.08
CA ARG D 42 -7.89 -4.14 -14.49
C ARG D 42 -7.04 -3.19 -15.31
N CYS D 43 -6.22 -3.75 -16.21
CA CYS D 43 -5.32 -2.94 -17.02
C CYS D 43 -4.89 -3.75 -18.22
N THR D 44 -4.99 -3.17 -19.41
CA THR D 44 -4.53 -3.84 -20.62
C THR D 44 -3.00 -3.90 -20.64
N THR D 45 -2.47 -4.78 -21.49
CA THR D 45 -1.03 -4.95 -21.58
C THR D 45 -0.32 -3.70 -22.09
N ASP D 46 -1.03 -2.84 -22.82
CA ASP D 46 -0.43 -1.59 -23.29
C ASP D 46 -0.68 -0.42 -22.35
N GLY D 47 -1.25 -0.66 -21.17
CA GLY D 47 -1.30 0.32 -20.12
C GLY D 47 -2.59 1.11 -19.99
N VAL D 48 -3.70 0.62 -20.51
CA VAL D 48 -4.99 1.29 -20.37
C VAL D 48 -5.67 0.74 -19.13
N LEU D 49 -5.84 1.58 -18.11
CA LEU D 49 -6.56 1.17 -16.92
C LEU D 49 -8.05 1.09 -17.19
N LEU D 50 -8.69 0.06 -16.65
CA LEU D 50 -10.12 -0.18 -16.83
C LEU D 50 -10.82 -0.18 -15.48
N GLY D 51 -12.14 -0.05 -15.54
CA GLY D 51 -12.94 -0.12 -14.32
C GLY D 51 -12.59 1.00 -13.36
N THR D 52 -12.44 0.64 -12.09
CA THR D 52 -12.07 1.57 -11.04
C THR D 52 -10.59 1.46 -10.67
N THR D 53 -9.76 0.92 -11.57
CA THR D 53 -8.36 0.68 -11.26
C THR D 53 -7.57 1.98 -11.29
N GLN D 54 -6.79 2.22 -10.24
CA GLN D 54 -5.82 3.29 -10.19
C GLN D 54 -4.44 2.69 -9.86
N LEU D 55 -3.45 3.56 -9.64
CA LEU D 55 -2.07 3.11 -9.57
C LEU D 55 -1.54 2.92 -8.15
N SER D 56 -2.17 3.54 -7.15
CA SER D 56 -1.66 3.44 -5.78
C SER D 56 -2.09 2.11 -5.15
N PRO D 57 -1.14 1.28 -4.71
CA PRO D 57 -1.53 0.01 -4.07
C PRO D 57 -2.14 0.20 -2.69
N VAL D 58 -1.85 1.31 -2.00
CA VAL D 58 -2.38 1.52 -0.67
C VAL D 58 -3.72 2.28 -0.67
N ASN D 59 -4.04 2.97 -1.77
CA ASN D 59 -5.30 3.70 -1.87
C ASN D 59 -6.44 2.83 -2.36
N ILE D 60 -6.32 1.51 -2.21
CA ILE D 60 -7.41 0.59 -2.57
C ILE D 60 -8.25 0.34 -1.32
N CYS D 61 -9.57 0.48 -1.48
CA CYS D 61 -10.55 0.32 -0.39
C CYS D 61 -10.39 1.38 0.69
N THR D 62 -9.80 2.53 0.37
CA THR D 62 -9.74 3.67 1.26
C THR D 62 -10.78 4.70 0.84
N PHE D 63 -11.22 5.50 1.80
CA PHE D 63 -12.19 6.57 1.57
C PHE D 63 -11.73 7.84 2.25
N ARG D 64 -12.01 8.98 1.60
CA ARG D 64 -11.65 10.28 2.13
C ARG D 64 -12.81 11.24 1.93
N GLY D 65 -13.00 12.13 2.90
CA GLY D 65 -14.05 13.13 2.82
C GLY D 65 -14.35 13.71 4.20
N ASP D 66 -15.58 14.17 4.35
CA ASP D 66 -16.10 14.67 5.62
C ASP D 66 -17.32 13.86 6.02
N VAL D 67 -17.58 13.78 7.33
CA VAL D 67 -18.60 12.91 7.87
C VAL D 67 -19.67 13.73 8.58
N THR D 68 -20.92 13.32 8.40
CA THR D 68 -22.06 13.80 9.17
C THR D 68 -22.86 12.60 9.65
N HIS D 69 -23.72 12.83 10.65
CA HIS D 69 -24.52 11.74 11.18
C HIS D 69 -25.74 12.31 11.88
N ILE D 70 -26.72 11.43 12.09
CA ILE D 70 -27.92 11.78 12.86
C ILE D 70 -27.56 11.75 14.34
N THR D 71 -28.05 12.75 15.09
CA THR D 71 -27.75 12.85 16.51
C THR D 71 -28.23 11.60 17.24
N GLY D 72 -27.35 11.02 18.06
CA GLY D 72 -27.64 9.78 18.75
C GLY D 72 -27.33 8.52 17.97
N SER D 73 -27.32 8.60 16.64
CA SER D 73 -26.98 7.45 15.82
C SER D 73 -25.47 7.25 15.79
N ARG D 74 -25.06 6.13 15.20
CA ARG D 74 -23.65 5.81 15.09
C ARG D 74 -23.19 5.50 13.68
N ASN D 75 -24.10 5.39 12.73
CA ASN D 75 -23.73 5.29 11.33
C ASN D 75 -23.46 6.69 10.79
N TYR D 76 -22.24 6.94 10.34
CA TYR D 76 -21.85 8.22 9.78
C TYR D 76 -21.88 8.15 8.27
N THR D 77 -22.37 9.23 7.65
CA THR D 77 -22.37 9.37 6.20
C THR D 77 -21.16 10.20 5.79
N MET D 78 -20.32 9.64 4.92
CA MET D 78 -19.14 10.35 4.44
C MET D 78 -19.41 10.88 3.04
N ASN D 79 -19.31 12.20 2.89
CA ASN D 79 -19.34 12.83 1.58
C ASN D 79 -17.94 12.71 0.98
N LEU D 80 -17.82 11.93 -0.09
CA LEU D 80 -16.51 11.56 -0.59
C LEU D 80 -15.80 12.72 -1.26
N ALA D 81 -14.50 12.81 -1.03
CA ALA D 81 -13.60 13.66 -1.79
C ALA D 81 -12.65 12.78 -2.59
N SER D 82 -11.90 13.42 -3.48
CA SER D 82 -10.89 12.69 -4.25
C SER D 82 -9.77 12.21 -3.32
N GLN D 83 -8.92 11.33 -3.86
CA GLN D 83 -7.81 10.81 -3.08
C GLN D 83 -6.84 11.90 -2.63
N ASN D 84 -6.83 13.05 -3.31
CA ASN D 84 -5.97 14.17 -2.95
C ASN D 84 -6.76 15.32 -2.32
N TRP D 85 -7.95 15.04 -1.78
CA TRP D 85 -8.82 15.98 -1.07
C TRP D 85 -9.43 17.04 -1.98
N ASN D 86 -9.33 16.88 -3.30
CA ASN D 86 -10.09 17.71 -4.22
C ASN D 86 -11.54 17.24 -4.26
N ASP D 87 -12.40 18.07 -4.85
CA ASP D 87 -13.81 17.74 -4.92
C ASP D 87 -14.05 16.53 -5.82
N TYR D 88 -15.05 15.74 -5.46
CA TYR D 88 -15.41 14.56 -6.24
C TYR D 88 -16.23 14.96 -7.46
N ASP D 89 -15.89 14.37 -8.60
CA ASP D 89 -16.56 14.66 -9.87
C ASP D 89 -17.28 13.41 -10.35
N PRO D 90 -18.60 13.32 -10.16
CA PRO D 90 -19.31 12.09 -10.57
C PRO D 90 -19.51 11.95 -12.06
N THR D 91 -19.15 12.96 -12.85
CA THR D 91 -19.35 12.90 -14.30
C THR D 91 -18.25 12.12 -15.02
N GLU D 92 -17.21 11.68 -14.31
CA GLU D 92 -16.17 10.87 -14.93
C GLU D 92 -16.72 9.51 -15.34
N GLU D 93 -16.28 9.03 -16.50
CA GLU D 93 -16.79 7.77 -17.05
C GLU D 93 -16.11 6.59 -16.33
N ILE D 94 -16.46 6.45 -15.06
CA ILE D 94 -15.98 5.35 -14.24
C ILE D 94 -17.13 4.81 -13.41
N PRO D 95 -17.10 3.51 -13.07
CA PRO D 95 -18.19 2.94 -12.29
C PRO D 95 -18.33 3.56 -10.90
N ALA D 96 -17.22 4.04 -10.34
CA ALA D 96 -17.17 4.56 -8.98
C ALA D 96 -15.84 5.28 -8.81
N PRO D 97 -15.62 5.99 -7.70
CA PRO D 97 -14.28 6.53 -7.44
C PRO D 97 -13.21 5.45 -7.57
N LEU D 98 -12.07 5.83 -8.12
CA LEU D 98 -10.98 4.87 -8.34
C LEU D 98 -10.51 4.29 -7.02
N GLY D 99 -10.46 2.96 -6.94
CA GLY D 99 -10.12 2.27 -5.72
C GLY D 99 -11.30 1.82 -4.88
N THR D 100 -12.53 2.13 -5.31
CA THR D 100 -13.70 1.68 -4.59
C THR D 100 -13.73 0.16 -4.53
N PRO D 101 -14.12 -0.43 -3.40
CA PRO D 101 -14.22 -1.89 -3.32
C PRO D 101 -15.10 -2.46 -4.43
N ASP D 102 -14.68 -3.60 -4.98
CA ASP D 102 -15.39 -4.24 -6.09
C ASP D 102 -15.98 -5.58 -5.67
N PHE D 103 -16.37 -5.72 -4.40
CA PHE D 103 -17.01 -6.94 -3.95
C PHE D 103 -18.02 -6.59 -2.85
N VAL D 104 -19.04 -7.41 -2.74
CA VAL D 104 -20.06 -7.24 -1.71
C VAL D 104 -19.57 -7.89 -0.42
N GLY D 105 -19.53 -7.11 0.65
CA GLY D 105 -19.04 -7.63 1.92
C GLY D 105 -18.91 -6.51 2.93
N LYS D 106 -18.52 -6.91 4.13
CA LYS D 106 -18.36 -5.98 5.25
C LYS D 106 -16.88 -5.78 5.51
N ILE D 107 -16.36 -4.62 5.11
CA ILE D 107 -14.97 -4.27 5.30
C ILE D 107 -14.84 -3.50 6.61
N GLN D 108 -13.98 -3.99 7.51
CA GLN D 108 -13.73 -3.32 8.78
C GLN D 108 -12.39 -2.60 8.73
N GLY D 109 -12.35 -1.43 9.32
CA GLY D 109 -11.13 -0.64 9.39
C GLY D 109 -11.22 0.38 10.50
N VAL D 110 -10.50 1.49 10.31
CA VAL D 110 -10.45 2.56 11.30
C VAL D 110 -10.74 3.88 10.59
N LEU D 111 -11.64 4.66 11.17
CA LEU D 111 -11.94 6.01 10.69
C LEU D 111 -11.12 6.99 11.51
N THR D 112 -10.21 7.69 10.86
CA THR D 112 -9.36 8.68 11.50
C THR D 112 -9.74 10.08 11.04
N GLN D 113 -9.52 11.06 11.91
CA GLN D 113 -9.91 12.44 11.62
C GLN D 113 -8.94 13.38 12.31
N THR D 114 -8.63 14.49 11.63
CA THR D 114 -7.76 15.53 12.16
C THR D 114 -8.50 16.86 12.11
N THR D 115 -8.58 17.55 13.24
CA THR D 115 -9.13 18.89 13.28
C THR D 115 -8.07 19.87 12.77
N ARG D 116 -8.39 20.59 11.69
CA ARG D 116 -7.39 21.39 11.01
C ARG D 116 -6.90 22.56 11.85
N THR D 117 -7.78 23.14 12.69
CA THR D 117 -7.42 24.38 13.37
C THR D 117 -6.39 24.16 14.47
N ASP D 118 -6.32 22.97 15.06
CA ASP D 118 -5.37 22.72 16.14
C ASP D 118 -4.63 21.40 16.04
N GLY D 119 -4.86 20.62 15.00
CA GLY D 119 -4.13 19.36 14.84
C GLY D 119 -4.52 18.26 15.78
N SER D 120 -5.66 18.37 16.46
CA SER D 120 -6.14 17.28 17.30
C SER D 120 -6.69 16.15 16.42
N THR D 121 -6.42 14.91 16.84
CA THR D 121 -6.78 13.75 16.06
C THR D 121 -7.64 12.78 16.87
N ARG D 122 -8.28 11.86 16.16
CA ARG D 122 -9.13 10.86 16.78
C ARG D 122 -9.35 9.72 15.80
N GLY D 123 -9.47 8.51 16.34
CA GLY D 123 -9.69 7.33 15.52
C GLY D 123 -10.64 6.33 16.16
N HIS D 124 -11.51 5.74 15.36
CA HIS D 124 -12.51 4.81 15.87
C HIS D 124 -12.68 3.64 14.91
N LYS D 125 -13.10 2.50 15.47
CA LYS D 125 -13.41 1.34 14.66
C LYS D 125 -14.61 1.62 13.77
N ALA D 126 -14.50 1.28 12.49
CA ALA D 126 -15.57 1.53 11.54
C ALA D 126 -15.69 0.35 10.58
N THR D 127 -16.92 0.09 10.14
CA THR D 127 -17.21 -0.97 9.19
C THR D 127 -18.10 -0.41 8.09
N VAL D 128 -17.75 -0.69 6.84
CA VAL D 128 -18.53 -0.27 5.68
C VAL D 128 -19.18 -1.49 5.06
N TYR D 129 -20.49 -1.42 4.82
CA TYR D 129 -21.26 -2.53 4.27
C TYR D 129 -21.48 -2.23 2.79
N THR D 130 -20.60 -2.77 1.95
CA THR D 130 -20.64 -2.48 0.52
C THR D 130 -21.88 -3.05 -0.16
N GLY D 131 -22.60 -3.95 0.49
CA GLY D 131 -23.87 -4.45 0.01
C GLY D 131 -25.08 -3.71 0.51
N SER D 132 -24.92 -2.78 1.43
CA SER D 132 -26.05 -2.04 1.98
C SER D 132 -26.64 -1.09 0.94
N ALA D 133 -27.88 -0.67 1.21
CA ALA D 133 -28.59 0.18 0.26
C ALA D 133 -28.02 1.58 0.18
N ASP D 134 -27.31 2.04 1.22
CA ASP D 134 -26.75 3.38 1.25
C ASP D 134 -25.31 3.45 0.77
N PHE D 135 -24.76 2.33 0.26
CA PHE D 135 -23.42 2.33 -0.32
C PHE D 135 -23.53 2.87 -1.75
N ALA D 136 -23.29 4.17 -1.92
CA ALA D 136 -23.37 4.82 -3.22
C ALA D 136 -22.14 5.70 -3.43
N PRO D 137 -20.96 5.09 -3.58
CA PRO D 137 -19.76 5.90 -3.82
C PRO D 137 -19.80 6.65 -5.14
N LYS D 138 -20.48 6.10 -6.15
CA LYS D 138 -20.59 6.81 -7.43
C LYS D 138 -21.30 8.15 -7.27
N LEU D 139 -22.27 8.22 -6.36
CA LEU D 139 -22.89 9.50 -6.02
C LEU D 139 -22.10 10.30 -5.01
N GLY D 140 -21.03 9.74 -4.46
CA GLY D 140 -20.20 10.44 -3.50
C GLY D 140 -20.60 10.28 -2.06
N ARG D 141 -21.27 9.18 -1.70
CA ARG D 141 -21.79 8.99 -0.35
C ARG D 141 -21.55 7.55 0.09
N VAL D 142 -20.92 7.39 1.26
CA VAL D 142 -20.65 6.08 1.83
C VAL D 142 -20.98 6.13 3.31
N GLN D 143 -21.64 5.07 3.81
CA GLN D 143 -22.05 4.99 5.21
C GLN D 143 -21.08 4.12 5.99
N PHE D 144 -20.70 4.59 7.18
CA PHE D 144 -19.78 3.87 8.06
C PHE D 144 -20.44 3.63 9.40
N GLU D 145 -20.44 2.38 9.85
CA GLU D 145 -20.91 2.04 11.18
C GLU D 145 -19.72 2.04 12.12
N THR D 146 -19.74 2.96 13.10
CA THR D 146 -18.63 3.13 14.02
C THR D 146 -19.05 2.72 15.43
N ASP D 147 -18.15 2.91 16.39
CA ASP D 147 -18.41 2.61 17.80
C ASP D 147 -18.51 3.86 18.66
N THR D 148 -18.67 5.03 18.04
CA THR D 148 -18.88 6.28 18.75
C THR D 148 -20.04 7.04 18.10
N ASP D 149 -20.78 7.77 18.94
CA ASP D 149 -21.97 8.49 18.48
C ASP D 149 -21.84 10.00 18.55
N ARG D 150 -20.73 10.53 19.08
CA ARG D 150 -20.53 11.98 19.11
C ARG D 150 -19.10 12.43 18.81
N ASP D 151 -18.13 11.52 18.69
CA ASP D 151 -16.73 11.93 18.71
C ASP D 151 -16.24 12.50 17.37
N PHE D 152 -16.92 12.23 16.27
CA PHE D 152 -16.48 12.70 14.97
C PHE D 152 -17.07 14.07 14.67
N GLU D 153 -16.20 15.02 14.36
CA GLU D 153 -16.61 16.39 14.07
C GLU D 153 -16.92 16.55 12.58
N ALA D 154 -17.79 17.50 12.29
CA ALA D 154 -18.19 17.79 10.92
C ALA D 154 -17.22 18.78 10.27
N ASN D 155 -17.21 18.77 8.94
CA ASN D 155 -16.36 19.66 8.15
C ASN D 155 -14.89 19.51 8.52
N GLN D 156 -14.44 18.26 8.66
CA GLN D 156 -13.04 17.96 8.93
C GLN D 156 -12.62 16.75 8.12
N ASN D 157 -11.36 16.75 7.69
CA ASN D 157 -10.83 15.68 6.85
C ASN D 157 -10.87 14.35 7.59
N THR D 158 -11.56 13.37 7.02
CA THR D 158 -11.73 12.04 7.61
C THR D 158 -11.32 10.98 6.60
N LYS D 159 -10.56 9.99 7.06
CA LYS D 159 -10.05 8.93 6.20
C LYS D 159 -10.40 7.57 6.79
N PHE D 160 -10.78 6.63 5.92
CA PHE D 160 -11.02 5.25 6.30
C PHE D 160 -9.87 4.38 5.80
N THR D 161 -9.24 3.66 6.72
CA THR D 161 -8.16 2.74 6.38
C THR D 161 -8.67 1.30 6.50
N PRO D 162 -8.69 0.52 5.42
CA PRO D 162 -9.22 -0.84 5.52
C PRO D 162 -8.25 -1.77 6.21
N VAL D 163 -8.80 -2.71 6.97
CA VAL D 163 -8.02 -3.71 7.71
C VAL D 163 -8.39 -5.13 7.28
N GLY D 164 -9.66 -5.46 7.33
CA GLY D 164 -10.10 -6.79 6.98
C GLY D 164 -11.59 -6.87 6.75
N VAL D 165 -12.10 -8.11 6.80
CA VAL D 165 -13.51 -8.39 6.56
C VAL D 165 -14.09 -9.14 7.74
N ILE D 166 -15.42 -9.12 7.85
CA ILE D 166 -16.16 -9.81 8.91
C ILE D 166 -17.35 -10.52 8.28
N GLN D 167 -18.01 -11.33 9.11
CA GLN D 167 -19.27 -11.96 8.72
C GLN D 167 -20.04 -12.30 9.99
N ASP D 168 -21.36 -12.41 9.83
CA ASP D 168 -22.23 -12.76 10.95
C ASP D 168 -21.97 -14.20 11.38
N GLY D 169 -21.43 -14.38 12.59
CA GLY D 169 -21.09 -15.70 13.09
C GLY D 169 -22.28 -16.64 13.22
N GLY D 170 -23.50 -16.09 13.25
CA GLY D 170 -24.68 -16.93 13.36
C GLY D 170 -25.09 -17.60 12.06
N THR D 171 -24.69 -17.04 10.91
CA THR D 171 -25.03 -17.60 9.62
C THR D 171 -24.03 -18.71 9.25
N THR D 172 -24.22 -19.28 8.07
CA THR D 172 -23.32 -20.31 7.58
C THR D 172 -21.91 -19.74 7.42
N HIS D 173 -20.91 -20.59 7.66
CA HIS D 173 -19.53 -20.13 7.65
C HIS D 173 -19.05 -19.84 6.24
N ARG D 174 -18.30 -18.75 6.09
CA ARG D 174 -17.69 -18.33 4.83
C ARG D 174 -18.73 -18.02 3.76
N ASN D 175 -19.95 -17.66 4.17
CA ASN D 175 -20.94 -17.17 3.23
C ASN D 175 -20.74 -15.71 2.87
N GLU D 176 -19.87 -15.01 3.60
CA GLU D 176 -19.54 -13.62 3.37
C GLU D 176 -18.04 -13.46 3.56
N PRO D 177 -17.39 -12.57 2.79
CA PRO D 177 -17.96 -11.77 1.69
C PRO D 177 -18.07 -12.55 0.39
N GLN D 178 -18.59 -11.90 -0.64
CA GLN D 178 -18.72 -12.48 -1.98
C GLN D 178 -17.78 -11.72 -2.90
N GLN D 179 -16.57 -12.24 -3.09
CA GLN D 179 -15.55 -11.54 -3.84
C GLN D 179 -15.88 -11.41 -5.32
N TRP D 180 -16.83 -12.19 -5.83
CA TRP D 180 -17.20 -12.15 -7.24
C TRP D 180 -18.55 -11.50 -7.48
N VAL D 181 -19.07 -10.76 -6.50
CA VAL D 181 -20.35 -10.06 -6.62
C VAL D 181 -20.06 -8.56 -6.52
N LEU D 182 -20.29 -7.84 -7.62
CA LEU D 182 -20.02 -6.42 -7.64
C LEU D 182 -21.07 -5.67 -6.82
N PRO D 183 -20.66 -4.66 -6.05
CA PRO D 183 -21.64 -3.83 -5.35
C PRO D 183 -22.40 -2.93 -6.32
N SER D 184 -23.52 -2.41 -5.84
CA SER D 184 -24.30 -1.42 -6.59
C SER D 184 -23.71 -0.05 -6.29
N TYR D 185 -22.96 0.49 -7.24
CA TYR D 185 -22.11 1.65 -6.97
C TYR D 185 -22.90 2.94 -6.75
N SER D 186 -24.15 3.02 -7.20
CA SER D 186 -24.94 4.24 -7.09
C SER D 186 -26.13 4.11 -6.16
N GLY D 187 -26.28 3.00 -5.46
CA GLY D 187 -27.39 2.79 -4.55
C GLY D 187 -28.11 1.48 -4.84
N ARG D 188 -29.15 1.24 -4.04
CA ARG D 188 -29.83 -0.06 -4.07
C ARG D 188 -30.45 -0.33 -5.44
N ASN D 189 -31.20 0.63 -5.98
CA ASN D 189 -31.98 0.43 -7.19
C ASN D 189 -31.19 0.65 -8.48
N THR D 190 -30.03 1.29 -8.40
CA THR D 190 -29.34 1.77 -9.58
C THR D 190 -28.64 0.63 -10.34
N HIS D 191 -28.13 0.97 -11.52
CA HIS D 191 -27.38 0.05 -12.35
C HIS D 191 -25.97 0.59 -12.56
N ASN D 192 -24.99 -0.31 -12.56
CA ASN D 192 -23.60 0.08 -12.72
C ASN D 192 -23.34 0.55 -14.16
N VAL D 193 -22.29 1.36 -14.32
CA VAL D 193 -21.95 1.94 -15.60
C VAL D 193 -20.44 1.83 -15.83
N HIS D 194 -20.06 1.77 -17.10
CA HIS D 194 -18.65 1.80 -17.51
C HIS D 194 -17.82 0.71 -16.83
N LEU D 195 -18.40 -0.47 -16.71
CA LEU D 195 -17.72 -1.58 -16.05
C LEU D 195 -16.65 -2.18 -16.98
N ALA D 196 -15.57 -2.64 -16.38
CA ALA D 196 -14.65 -3.50 -17.10
C ALA D 196 -15.35 -4.80 -17.47
N PRO D 197 -15.07 -5.36 -18.65
CA PRO D 197 -15.80 -6.56 -19.08
C PRO D 197 -15.50 -7.76 -18.20
N ALA D 198 -16.47 -8.67 -18.14
CA ALA D 198 -16.26 -9.93 -17.44
C ALA D 198 -15.21 -10.77 -18.18
N VAL D 199 -14.58 -11.67 -17.43
CA VAL D 199 -13.44 -12.44 -17.92
C VAL D 199 -13.75 -13.92 -17.76
N ALA D 200 -13.52 -14.70 -18.81
CA ALA D 200 -13.71 -16.13 -18.78
C ALA D 200 -12.69 -16.80 -19.69
N PRO D 201 -12.14 -17.94 -19.28
CA PRO D 201 -11.20 -18.66 -20.16
C PRO D 201 -11.94 -19.32 -21.31
N THR D 202 -11.61 -18.92 -22.54
CA THR D 202 -12.30 -19.42 -23.72
C THR D 202 -11.59 -20.59 -24.39
N PHE D 203 -10.28 -20.72 -24.22
CA PHE D 203 -9.57 -21.82 -24.84
C PHE D 203 -9.95 -23.14 -24.16
N PRO D 204 -10.20 -24.20 -24.93
CA PRO D 204 -10.60 -25.48 -24.33
C PRO D 204 -9.45 -26.07 -23.50
N GLY D 205 -9.76 -26.40 -22.25
CA GLY D 205 -8.77 -26.95 -21.34
C GLY D 205 -7.99 -25.93 -20.53
N GLU D 206 -8.33 -24.64 -20.66
CA GLU D 206 -7.62 -23.58 -19.94
C GLU D 206 -8.49 -23.04 -18.82
N GLN D 207 -7.84 -22.63 -17.74
CA GLN D 207 -8.49 -21.99 -16.61
C GLN D 207 -7.77 -20.69 -16.28
N LEU D 208 -8.47 -19.80 -15.58
CA LEU D 208 -7.87 -18.57 -15.13
C LEU D 208 -6.77 -18.85 -14.10
N LEU D 209 -5.70 -18.05 -14.16
CA LEU D 209 -4.66 -18.07 -13.14
C LEU D 209 -4.86 -16.85 -12.24
N PHE D 210 -5.22 -17.10 -10.98
CA PHE D 210 -5.49 -16.04 -10.02
C PHE D 210 -4.27 -15.76 -9.17
N PHE D 211 -4.07 -14.48 -8.83
CA PHE D 211 -3.08 -14.07 -7.85
C PHE D 211 -3.82 -13.87 -6.52
N ARG D 212 -3.62 -14.81 -5.60
CA ARG D 212 -4.48 -14.96 -4.43
C ARG D 212 -3.82 -14.44 -3.17
N SER D 213 -4.60 -13.73 -2.36
CA SER D 213 -4.19 -13.28 -1.03
C SER D 213 -5.25 -13.71 -0.02
N THR D 214 -4.91 -13.63 1.26
CA THR D 214 -5.84 -13.90 2.35
C THR D 214 -6.12 -12.58 3.07
N MET D 215 -7.34 -12.08 2.95
CA MET D 215 -7.73 -10.89 3.68
C MET D 215 -7.77 -11.19 5.17
N PRO D 216 -7.27 -10.28 6.01
CA PRO D 216 -7.42 -10.47 7.46
C PRO D 216 -8.88 -10.56 7.86
N GLY D 217 -9.17 -11.41 8.83
CA GLY D 217 -10.51 -11.53 9.40
C GLY D 217 -10.58 -10.85 10.75
N CYS D 218 -11.68 -10.13 10.98
CA CYS D 218 -11.85 -9.36 12.19
C CYS D 218 -12.97 -9.86 13.11
N SER D 219 -13.90 -10.65 12.59
CA SER D 219 -14.99 -11.21 13.40
C SER D 219 -15.73 -12.25 12.59
N GLY D 220 -16.10 -13.35 13.24
CA GLY D 220 -16.85 -14.41 12.58
C GLY D 220 -16.00 -15.43 11.85
N TYR D 221 -16.59 -16.00 10.80
CA TYR D 221 -15.94 -17.02 9.97
C TYR D 221 -16.00 -16.58 8.51
N PRO D 222 -15.30 -15.52 8.15
CA PRO D 222 -15.46 -14.95 6.81
C PRO D 222 -14.64 -15.69 5.76
N ASN D 223 -15.16 -15.66 4.53
CA ASN D 223 -14.43 -16.16 3.37
C ASN D 223 -13.34 -15.15 3.03
N MET D 224 -12.10 -15.46 3.40
CA MET D 224 -11.00 -14.52 3.31
C MET D 224 -10.19 -14.65 2.02
N ASP D 225 -10.63 -15.49 1.09
CA ASP D 225 -9.94 -15.60 -0.19
C ASP D 225 -10.21 -14.36 -1.05
N LEU D 226 -9.15 -13.80 -1.62
CA LEU D 226 -9.28 -12.69 -2.56
C LEU D 226 -8.38 -12.94 -3.75
N ASP D 227 -8.98 -13.09 -4.92
CA ASP D 227 -8.26 -13.35 -6.16
C ASP D 227 -8.31 -12.11 -7.04
N CYS D 228 -7.16 -11.72 -7.58
CA CYS D 228 -7.08 -10.64 -8.54
C CYS D 228 -6.45 -11.14 -9.83
N LEU D 229 -6.78 -10.49 -10.94
CA LEU D 229 -6.34 -10.95 -12.25
C LEU D 229 -4.93 -10.49 -12.58
N LEU D 230 -4.49 -9.36 -12.03
CA LEU D 230 -3.15 -8.85 -12.26
C LEU D 230 -2.62 -8.29 -10.94
N PRO D 231 -1.37 -8.58 -10.59
CA PRO D 231 -0.76 -7.91 -9.45
C PRO D 231 -0.68 -6.41 -9.69
N GLN D 232 -0.79 -5.64 -8.61
CA GLN D 232 -0.78 -4.19 -8.74
C GLN D 232 0.50 -3.68 -9.37
N GLU D 233 1.63 -4.36 -9.13
CA GLU D 233 2.88 -3.94 -9.74
C GLU D 233 2.88 -4.17 -11.24
N TRP D 234 2.13 -5.17 -11.73
CA TRP D 234 1.98 -5.34 -13.16
C TRP D 234 1.14 -4.22 -13.76
N VAL D 235 0.15 -3.74 -13.01
CA VAL D 235 -0.66 -2.61 -13.47
C VAL D 235 0.19 -1.36 -13.58
N GLN D 236 1.01 -1.09 -12.56
CA GLN D 236 1.91 0.06 -12.61
C GLN D 236 2.92 -0.07 -13.74
N TYR D 237 3.40 -1.29 -13.99
CA TYR D 237 4.41 -1.51 -15.02
C TYR D 237 3.82 -1.31 -16.41
N PHE D 238 2.65 -1.87 -16.66
CA PHE D 238 2.03 -1.75 -17.98
C PHE D 238 1.68 -0.30 -18.29
N TYR D 239 1.26 0.45 -17.28
CA TYR D 239 0.88 1.84 -17.50
C TYR D 239 2.08 2.69 -17.89
N GLN D 240 3.25 2.39 -17.32
CA GLN D 240 4.44 3.19 -17.61
C GLN D 240 5.08 2.79 -18.94
N GLU D 241 5.22 1.48 -19.17
CA GLU D 241 5.86 1.02 -20.40
C GLU D 241 5.06 1.42 -21.63
N ALA D 242 3.72 1.24 -21.57
CA ALA D 242 2.83 1.54 -22.69
C ALA D 242 3.28 0.82 -23.96
N ALA D 243 3.86 -0.36 -23.80
CA ALA D 243 4.33 -1.12 -24.94
C ALA D 243 3.15 -1.68 -25.72
N PRO D 244 3.08 -1.47 -27.03
CA PRO D 244 1.93 -1.95 -27.80
C PRO D 244 1.93 -3.47 -27.88
N ALA D 245 0.72 -4.02 -27.97
CA ALA D 245 0.53 -5.46 -28.11
C ALA D 245 0.55 -5.84 -29.59
N GLN D 246 1.43 -6.79 -29.94
CA GLN D 246 1.53 -7.27 -31.30
C GLN D 246 0.72 -8.53 -31.55
N SER D 247 -0.09 -8.94 -30.57
CA SER D 247 -0.97 -10.10 -30.70
C SER D 247 -2.08 -9.96 -29.65
N ASP D 248 -2.87 -11.02 -29.50
CA ASP D 248 -3.94 -11.02 -28.51
C ASP D 248 -3.58 -11.76 -27.22
N VAL D 249 -2.58 -12.63 -27.26
CA VAL D 249 -2.08 -13.32 -26.08
C VAL D 249 -0.56 -13.26 -26.08
N ALA D 250 0.02 -13.08 -24.89
CA ALA D 250 1.46 -13.06 -24.71
C ALA D 250 1.88 -14.29 -23.92
N LEU D 251 2.87 -15.02 -24.43
CA LEU D 251 3.34 -16.23 -23.76
C LEU D 251 4.35 -15.84 -22.68
N LEU D 252 4.05 -16.22 -21.44
CA LEU D 252 4.94 -16.01 -20.31
C LEU D 252 5.45 -17.35 -19.81
N ARG D 253 6.66 -17.34 -19.26
CA ARG D 253 7.25 -18.51 -18.63
C ARG D 253 7.63 -18.16 -17.20
N PHE D 254 7.17 -18.97 -16.26
CA PHE D 254 7.55 -18.84 -14.87
C PHE D 254 8.80 -19.67 -14.64
N VAL D 255 9.89 -19.01 -14.23
CA VAL D 255 11.20 -19.62 -14.20
C VAL D 255 11.80 -19.48 -12.81
N ASN D 256 12.61 -20.48 -12.43
CA ASN D 256 13.40 -20.41 -11.21
C ASN D 256 14.77 -19.89 -11.55
N PRO D 257 15.15 -18.67 -11.15
CA PRO D 257 16.46 -18.14 -11.53
C PRO D 257 17.63 -18.87 -10.90
N ASP D 258 17.38 -19.75 -9.93
CA ASP D 258 18.47 -20.49 -9.28
C ASP D 258 18.92 -21.68 -10.11
N THR D 259 18.01 -22.27 -10.91
CA THR D 259 18.32 -23.47 -11.68
C THR D 259 18.04 -23.34 -13.17
N GLY D 260 17.32 -22.30 -13.61
CA GLY D 260 16.91 -22.20 -14.99
C GLY D 260 15.72 -23.03 -15.37
N ARG D 261 15.12 -23.76 -14.43
CA ARG D 261 13.99 -24.61 -14.72
C ARG D 261 12.77 -23.76 -15.09
N VAL D 262 12.13 -24.10 -16.20
CA VAL D 262 10.85 -23.49 -16.58
C VAL D 262 9.76 -24.23 -15.83
N LEU D 263 9.10 -23.56 -14.89
CA LEU D 263 8.19 -24.24 -13.98
C LEU D 263 6.77 -24.36 -14.52
N PHE D 264 6.33 -23.43 -15.38
CA PHE D 264 5.09 -23.58 -16.12
C PHE D 264 4.99 -22.48 -17.16
N GLU D 265 4.00 -22.62 -18.06
CA GLU D 265 3.74 -21.68 -19.13
C GLU D 265 2.32 -21.15 -19.00
N CYS D 266 2.12 -19.89 -19.39
CA CYS D 266 0.80 -19.29 -19.29
C CYS D 266 0.62 -18.24 -20.37
N LYS D 267 -0.64 -17.86 -20.59
CA LYS D 267 -1.02 -16.82 -21.54
C LYS D 267 -1.37 -15.55 -20.78
N LEU D 268 -0.77 -14.43 -21.19
CA LEU D 268 -1.16 -13.11 -20.69
C LEU D 268 -1.96 -12.43 -21.80
N HIS D 269 -3.28 -12.38 -21.63
CA HIS D 269 -4.14 -11.81 -22.64
C HIS D 269 -4.04 -10.30 -22.66
N LYS D 270 -4.28 -9.71 -23.83
CA LYS D 270 -4.08 -8.28 -24.01
C LYS D 270 -5.03 -7.45 -23.12
N SER D 271 -6.23 -7.97 -22.86
CA SER D 271 -7.17 -7.26 -22.01
C SER D 271 -6.78 -7.28 -20.53
N GLY D 272 -5.85 -8.14 -20.15
CA GLY D 272 -5.29 -8.08 -18.80
C GLY D 272 -5.68 -9.19 -17.86
N TYR D 273 -5.47 -10.44 -18.25
CA TYR D 273 -5.66 -11.57 -17.36
C TYR D 273 -4.84 -12.74 -17.87
N VAL D 274 -4.68 -13.75 -17.01
CA VAL D 274 -3.77 -14.87 -17.25
C VAL D 274 -4.56 -16.17 -17.23
N THR D 275 -4.22 -17.07 -18.15
CA THR D 275 -4.81 -18.40 -18.20
C THR D 275 -3.71 -19.46 -18.25
N VAL D 276 -4.02 -20.64 -17.72
CA VAL D 276 -3.11 -21.77 -17.69
C VAL D 276 -3.84 -23.01 -18.16
N ALA D 277 -3.07 -23.98 -18.68
CA ALA D 277 -3.63 -25.24 -19.17
C ALA D 277 -3.74 -26.21 -18.00
N HIS D 278 -4.92 -26.26 -17.38
CA HIS D 278 -5.16 -27.15 -16.26
C HIS D 278 -6.67 -27.28 -16.04
N THR D 279 -7.07 -28.40 -15.45
CA THR D 279 -8.47 -28.66 -15.12
C THR D 279 -8.55 -29.04 -13.65
N GLY D 280 -9.31 -28.27 -12.89
CA GLY D 280 -9.50 -28.51 -11.47
C GLY D 280 -8.88 -27.41 -10.62
N GLN D 281 -9.31 -27.39 -9.35
CA GLN D 281 -8.81 -26.41 -8.40
C GLN D 281 -7.49 -26.89 -7.81
N HIS D 282 -6.53 -25.99 -7.71
CA HIS D 282 -5.20 -26.35 -7.24
C HIS D 282 -4.42 -25.08 -6.89
N ASP D 283 -3.77 -25.11 -5.74
CA ASP D 283 -2.75 -24.13 -5.41
C ASP D 283 -1.45 -24.48 -6.12
N LEU D 284 -0.65 -23.45 -6.37
CA LEU D 284 0.65 -23.62 -7.03
C LEU D 284 1.76 -23.40 -6.01
N VAL D 285 2.60 -24.40 -5.83
CA VAL D 285 3.74 -24.32 -4.92
C VAL D 285 4.95 -23.89 -5.75
N ILE D 286 5.44 -22.68 -5.50
CA ILE D 286 6.51 -22.10 -6.31
C ILE D 286 7.73 -21.85 -5.43
N PRO D 287 8.95 -21.87 -5.98
CA PRO D 287 10.11 -21.48 -5.19
C PRO D 287 10.08 -19.99 -4.88
N PRO D 288 10.72 -19.55 -3.80
CA PRO D 288 10.61 -18.15 -3.39
C PRO D 288 11.19 -17.16 -4.39
N ASN D 289 12.06 -17.60 -5.30
CA ASN D 289 12.71 -16.72 -6.25
C ASN D 289 12.07 -16.72 -7.63
N GLY D 290 11.10 -17.58 -7.87
CA GLY D 290 10.51 -17.67 -9.20
C GLY D 290 9.79 -16.41 -9.60
N TYR D 291 9.74 -16.16 -10.91
CA TYR D 291 9.05 -14.99 -11.43
C TYR D 291 8.71 -15.22 -12.90
N PHE D 292 7.79 -14.40 -13.40
CA PHE D 292 7.32 -14.51 -14.77
C PHE D 292 8.28 -13.81 -15.73
N ARG D 293 8.44 -14.39 -16.93
CA ARG D 293 9.30 -13.81 -17.96
C ARG D 293 8.56 -13.84 -19.28
N PHE D 294 8.51 -12.69 -19.96
CA PHE D 294 7.85 -12.63 -21.26
C PHE D 294 8.72 -13.30 -22.31
N ASP D 295 8.10 -14.18 -23.10
CA ASP D 295 8.83 -14.86 -24.16
C ASP D 295 8.55 -14.19 -25.50
N SER D 296 7.32 -14.30 -26.00
CA SER D 296 6.99 -13.75 -27.30
C SER D 296 5.48 -13.61 -27.42
N TRP D 297 5.07 -12.81 -28.40
CA TRP D 297 3.66 -12.71 -28.75
C TRP D 297 3.29 -13.90 -29.63
N VAL D 298 2.35 -14.73 -29.16
CA VAL D 298 1.93 -15.90 -29.93
C VAL D 298 0.48 -15.69 -30.36
N ASN D 299 -0.03 -16.61 -31.16
CA ASN D 299 -1.41 -16.53 -31.60
C ASN D 299 -2.30 -17.20 -30.55
N GLN D 300 -3.58 -16.90 -30.68
CA GLN D 300 -4.59 -17.33 -29.73
C GLN D 300 -4.83 -18.84 -29.72
N PHE D 301 -4.53 -19.55 -30.81
CA PHE D 301 -4.69 -21.00 -30.86
C PHE D 301 -3.46 -21.73 -30.33
N TYR D 302 -2.49 -20.99 -29.79
CA TYR D 302 -1.34 -21.62 -29.16
C TYR D 302 -1.79 -22.48 -27.99
N THR D 303 -1.32 -23.72 -27.97
CA THR D 303 -1.64 -24.66 -26.89
C THR D 303 -0.49 -24.65 -25.90
N LEU D 304 -0.79 -24.29 -24.65
CA LEU D 304 0.22 -24.29 -23.61
C LEU D 304 0.52 -25.71 -23.15
N ALA D 305 1.72 -25.89 -22.60
CA ALA D 305 2.05 -27.15 -21.95
C ALA D 305 1.11 -27.38 -20.77
N PRO D 306 0.57 -28.58 -20.61
CA PRO D 306 -0.42 -28.81 -19.54
C PRO D 306 0.23 -28.84 -18.16
N MET D 307 0.11 -27.74 -17.42
CA MET D 307 0.91 -27.59 -16.22
C MET D 307 0.42 -26.39 -15.44
N GLY D 308 0.59 -26.44 -14.12
CA GLY D 308 0.23 -25.34 -13.24
C GLY D 308 -1.27 -25.11 -13.13
C1 EDO E . -3.59 28.13 -4.55
O1 EDO E . -2.51 27.44 -3.91
C2 EDO E . -3.17 28.47 -5.97
O2 EDO E . -4.28 29.05 -6.67
C1 EDO F . -16.99 47.38 0.60
O1 EDO F . -15.80 47.66 -0.15
C2 EDO F . -16.81 47.93 2.01
O2 EDO F . -18.10 48.11 2.62
C1 EDO G . -10.46 -1.35 15.44
O1 EDO G . -10.14 -2.65 15.94
C2 EDO G . -9.49 -0.32 16.01
O2 EDO G . -10.14 0.94 16.16
#